data_1V6W
#
_entry.id   1V6W
#
_cell.length_a   79.020
_cell.length_b   93.810
_cell.length_c   138.290
_cell.angle_alpha   90.00
_cell.angle_beta   90.00
_cell.angle_gamma   90.00
#
_symmetry.space_group_name_H-M   'P 21 21 21'
#
loop_
_entity.id
_entity.type
_entity.pdbx_description
1 polymer ENDO-1,4-BETA-D-XYLANASE
2 branched '4-O-methyl-alpha-D-glucopyranuronic acid-(1-2)-beta-D-xylopyranose-(1-4)-beta-D-xylopyranose'
3 branched beta-D-xylopyranose-(1-4)-beta-D-xylopyranose
4 non-polymer beta-D-xylopyranose
5 water water
#
_entity_poly.entity_id   1
_entity_poly.type   'polypeptide(L)'
_entity_poly.pdbx_seq_one_letter_code
;AESTLGAAAAQSGRYFGTAIASGKLGDSAYTTIASREFNMVTAENEMKIDATEPQRGQFNFSAGDRVYNWAVQNGKQVRG
HTLAWHSQQPGWMQSLSGSTLRQAMIDHINGVMGHYKGKIAQWDVVNEAFSDDGSGGRRDSNLQRTGNDWIEVAFRTARA
ADPAAKLCYNDYNIENWTWAKTQGVYNMVRDFKQRGVPIDCVGFQSHFNSGSPYNSNFRTTLQNFAALGVDVAITELDIQ
GASSSTYAAVTNDCLAVSRCLGITVWGVRDTDSWRSGDTPLLFNGDGSKKAAYTAVLNALNGGSSTPPPSGGGQIKGVGS
GRCLDVPNASTTDGTQVQLYDCHSATNQQWTYTDAGELRVYGDKCLDAAGTGNGTKVQIYSCWGGDNQKWRLNSDGSIVG
VQSGLCLDAVGGGTANGTLIQLYSCSNGSNQRWTRT
;
_entity_poly.pdbx_strand_id   A,B
#
# COMPACT_ATOMS: atom_id res chain seq x y z
N ALA A 1 -19.44 25.40 11.56
CA ALA A 1 -19.04 24.76 10.26
C ALA A 1 -18.90 23.26 10.44
N GLU A 2 -19.00 22.52 9.35
CA GLU A 2 -18.91 21.08 9.41
C GLU A 2 -18.22 20.43 8.21
N SER A 3 -17.50 21.22 7.42
CA SER A 3 -16.80 20.67 6.25
C SER A 3 -15.31 20.43 6.49
N THR A 4 -14.80 20.88 7.63
CA THR A 4 -13.39 20.68 7.95
C THR A 4 -13.26 20.17 9.39
N LEU A 5 -12.16 19.49 9.70
CA LEU A 5 -11.96 18.91 11.02
C LEU A 5 -12.01 19.88 12.21
N GLY A 6 -11.21 20.93 12.17
CA GLY A 6 -11.21 21.88 13.26
C GLY A 6 -12.59 22.45 13.53
N ALA A 7 -13.24 22.93 12.48
CA ALA A 7 -14.57 23.51 12.59
C ALA A 7 -15.58 22.50 13.11
N ALA A 8 -15.50 21.26 12.65
CA ALA A 8 -16.43 20.24 13.10
C ALA A 8 -16.23 19.97 14.59
N ALA A 9 -14.99 19.91 15.04
CA ALA A 9 -14.70 19.66 16.44
C ALA A 9 -15.18 20.84 17.28
N ALA A 10 -15.02 22.04 16.75
CA ALA A 10 -15.41 23.26 17.45
C ALA A 10 -16.90 23.26 17.81
N GLN A 11 -17.70 22.53 17.05
CA GLN A 11 -19.14 22.46 17.31
C GLN A 11 -19.40 21.93 18.71
N SER A 12 -18.48 21.11 19.22
CA SER A 12 -18.64 20.55 20.55
C SER A 12 -17.66 21.19 21.53
N GLY A 13 -17.11 22.33 21.14
CA GLY A 13 -16.18 23.04 22.00
C GLY A 13 -14.80 22.40 22.06
N ARG A 14 -14.46 21.64 21.03
CA ARG A 14 -13.17 20.97 21.00
C ARG A 14 -12.35 21.46 19.82
N TYR A 15 -11.14 20.92 19.69
CA TYR A 15 -10.27 21.29 18.59
C TYR A 15 -9.80 20.03 17.88
N PHE A 16 -9.25 20.22 16.68
CA PHE A 16 -8.67 19.10 15.95
C PHE A 16 -7.39 19.70 15.39
N GLY A 17 -6.26 19.21 15.86
CA GLY A 17 -5.00 19.75 15.41
C GLY A 17 -4.05 18.78 14.73
N THR A 18 -2.88 19.28 14.39
CA THR A 18 -1.85 18.48 13.75
C THR A 18 -0.49 18.94 14.25
N ALA A 19 0.54 18.19 13.90
CA ALA A 19 1.90 18.55 14.25
C ALA A 19 2.39 19.28 13.02
N ILE A 20 2.97 20.46 13.21
CA ILE A 20 3.49 21.24 12.09
C ILE A 20 5.02 21.16 12.04
N ALA A 21 5.55 20.94 10.85
CA ALA A 21 7.00 20.89 10.65
C ALA A 21 7.37 22.18 9.92
N SER A 22 8.11 23.05 10.59
CA SER A 22 8.50 24.33 10.00
C SER A 22 9.15 24.19 8.62
N GLY A 23 9.85 23.08 8.41
CA GLY A 23 10.51 22.87 7.14
C GLY A 23 9.56 22.66 5.98
N LYS A 24 8.28 22.46 6.28
CA LYS A 24 7.28 22.25 5.24
C LYS A 24 6.34 23.42 5.05
N LEU A 25 6.54 24.49 5.81
CA LEU A 25 5.68 25.67 5.70
C LEU A 25 5.85 26.40 4.37
N GLY A 26 6.89 26.04 3.63
CA GLY A 26 7.13 26.66 2.34
C GLY A 26 6.48 25.85 1.23
N ASP A 27 5.88 24.73 1.62
CA ASP A 27 5.21 23.83 0.69
C ASP A 27 3.72 24.19 0.66
N SER A 28 3.27 24.84 -0.42
CA SER A 28 1.88 25.25 -0.54
C SER A 28 0.89 24.10 -0.39
N ALA A 29 1.20 22.95 -0.98
CA ALA A 29 0.30 21.80 -0.90
C ALA A 29 0.12 21.42 0.58
N TYR A 30 1.21 21.52 1.34
CA TYR A 30 1.21 21.20 2.75
C TYR A 30 0.35 22.20 3.53
N THR A 31 0.68 23.49 3.39
CA THR A 31 -0.05 24.53 4.10
C THR A 31 -1.50 24.68 3.68
N THR A 32 -1.82 24.37 2.42
CA THR A 32 -3.20 24.48 1.97
C THR A 32 -4.08 23.58 2.83
N ILE A 33 -3.59 22.37 3.09
CA ILE A 33 -4.33 21.40 3.90
C ILE A 33 -4.30 21.78 5.38
N ALA A 34 -3.10 22.05 5.90
CA ALA A 34 -2.94 22.39 7.31
C ALA A 34 -3.72 23.63 7.75
N SER A 35 -3.66 24.71 6.97
CA SER A 35 -4.38 25.92 7.35
C SER A 35 -5.89 25.74 7.29
N ARG A 36 -6.35 24.88 6.39
CA ARG A 36 -7.76 24.63 6.19
C ARG A 36 -8.44 23.70 7.20
N GLU A 37 -7.76 22.61 7.53
CA GLU A 37 -8.33 21.58 8.40
C GLU A 37 -8.12 21.61 9.91
N PHE A 38 -7.09 22.31 10.38
CA PHE A 38 -6.80 22.30 11.81
C PHE A 38 -6.90 23.62 12.55
N ASN A 39 -7.30 23.55 13.82
CA ASN A 39 -7.39 24.77 14.64
C ASN A 39 -6.53 24.66 15.90
N MET A 40 -5.57 23.75 15.87
CA MET A 40 -4.63 23.56 16.96
C MET A 40 -3.33 23.06 16.33
N VAL A 41 -2.22 23.60 16.80
CA VAL A 41 -0.92 23.25 16.25
C VAL A 41 0.10 22.89 17.32
N THR A 42 0.87 21.83 17.06
CA THR A 42 1.94 21.43 17.95
C THR A 42 3.20 21.48 17.09
N ALA A 43 4.24 22.14 17.58
CA ALA A 43 5.49 22.21 16.82
C ALA A 43 6.06 20.80 16.90
N GLU A 44 6.38 20.22 15.76
CA GLU A 44 6.90 18.85 15.79
C GLU A 44 8.29 18.74 16.42
N ASN A 45 9.12 19.77 16.26
CA ASN A 45 10.47 19.76 16.83
C ASN A 45 10.98 21.11 17.33
N GLU A 46 10.40 22.19 16.80
CA GLU A 46 10.81 23.54 17.11
C GLU A 46 10.73 24.06 18.56
N MET A 47 9.99 23.40 19.43
CA MET A 47 9.92 23.87 20.81
C MET A 47 10.53 22.87 21.78
N LYS A 48 11.30 21.93 21.26
CA LYS A 48 11.95 20.96 22.11
C LYS A 48 13.12 21.65 22.82
N ILE A 49 13.68 20.99 23.82
CA ILE A 49 14.78 21.58 24.59
C ILE A 49 15.96 21.97 23.71
N ASP A 50 16.44 21.01 22.92
CA ASP A 50 17.58 21.22 22.03
C ASP A 50 17.37 22.41 21.08
N ALA A 51 16.14 22.58 20.59
CA ALA A 51 15.83 23.66 19.67
C ALA A 51 15.73 25.04 20.33
N THR A 52 15.14 25.09 21.51
CA THR A 52 14.95 26.36 22.21
C THR A 52 16.14 26.84 23.04
N GLU A 53 16.99 25.91 23.49
CA GLU A 53 18.16 26.28 24.28
C GLU A 53 19.38 25.48 23.82
N PRO A 54 19.90 25.80 22.61
CA PRO A 54 21.05 25.17 21.98
C PRO A 54 22.27 25.08 22.90
N GLN A 55 22.44 26.09 23.73
CA GLN A 55 23.54 26.12 24.69
C GLN A 55 22.98 26.68 25.99
N ARG A 56 23.44 26.16 27.12
CA ARG A 56 22.96 26.59 28.42
C ARG A 56 22.83 28.10 28.56
N GLY A 57 21.65 28.54 28.99
CA GLY A 57 21.41 29.95 29.18
C GLY A 57 21.22 30.74 27.90
N GLN A 58 21.50 30.10 26.77
CA GLN A 58 21.36 30.77 25.47
C GLN A 58 20.15 30.23 24.71
N PHE A 59 19.04 30.92 24.83
CA PHE A 59 17.79 30.53 24.19
C PHE A 59 17.65 31.04 22.75
N ASN A 60 17.04 30.21 21.91
CA ASN A 60 16.80 30.54 20.52
C ASN A 60 15.36 30.18 20.19
N PHE A 61 14.51 31.17 19.97
CA PHE A 61 13.11 30.92 19.67
C PHE A 61 12.74 31.14 18.21
N SER A 62 13.74 31.15 17.33
CA SER A 62 13.51 31.36 15.91
C SER A 62 12.55 30.34 15.30
N ALA A 63 12.90 29.06 15.42
CA ALA A 63 12.09 27.99 14.87
C ALA A 63 10.73 27.89 15.57
N GLY A 64 10.74 27.98 16.89
CA GLY A 64 9.50 27.90 17.65
C GLY A 64 8.54 29.02 17.31
N ASP A 65 9.07 30.24 17.24
CA ASP A 65 8.25 31.40 16.90
C ASP A 65 7.70 31.31 15.49
N ARG A 66 8.46 30.72 14.58
CA ARG A 66 8.00 30.59 13.20
C ARG A 66 6.75 29.71 13.16
N VAL A 67 6.76 28.63 13.93
CA VAL A 67 5.61 27.73 13.99
C VAL A 67 4.48 28.38 14.77
N TYR A 68 4.83 29.06 15.86
CA TYR A 68 3.83 29.74 16.67
C TYR A 68 3.12 30.81 15.86
N ASN A 69 3.91 31.65 15.18
CA ASN A 69 3.32 32.72 14.37
C ASN A 69 2.42 32.17 13.27
N TRP A 70 2.88 31.14 12.58
CA TRP A 70 2.09 30.54 11.51
C TRP A 70 0.76 30.07 12.07
N ALA A 71 0.81 29.40 13.22
CA ALA A 71 -0.39 28.88 13.86
C ALA A 71 -1.39 29.99 14.16
N VAL A 72 -0.96 30.97 14.95
CA VAL A 72 -1.84 32.07 15.33
C VAL A 72 -2.35 32.87 14.13
N GLN A 73 -1.49 33.15 13.16
CA GLN A 73 -1.89 33.89 11.97
C GLN A 73 -2.97 33.13 11.19
N ASN A 74 -3.01 31.82 11.37
CA ASN A 74 -3.99 30.99 10.67
C ASN A 74 -5.14 30.48 11.55
N GLY A 75 -5.33 31.12 12.70
CA GLY A 75 -6.43 30.76 13.58
C GLY A 75 -6.31 29.47 14.38
N LYS A 76 -5.08 29.06 14.70
CA LYS A 76 -4.88 27.85 15.48
C LYS A 76 -4.21 28.17 16.81
N GLN A 77 -4.63 27.47 17.86
CA GLN A 77 -4.00 27.66 19.15
C GLN A 77 -2.75 26.80 19.08
N VAL A 78 -1.96 26.79 20.15
CA VAL A 78 -0.73 26.04 20.16
C VAL A 78 -0.51 25.19 21.41
N ARG A 79 -0.03 23.96 21.20
CA ARG A 79 0.30 23.07 22.31
C ARG A 79 1.83 23.11 22.37
N GLY A 80 2.39 23.52 23.51
CA GLY A 80 3.83 23.57 23.65
C GLY A 80 4.39 22.18 23.86
N HIS A 81 5.40 21.82 23.08
CA HIS A 81 6.02 20.50 23.15
C HIS A 81 7.53 20.64 22.93
N THR A 82 8.36 20.35 23.94
CA THR A 82 7.99 19.91 25.27
C THR A 82 9.07 20.46 26.21
N LEU A 83 8.74 20.71 27.47
CA LEU A 83 9.68 21.29 28.42
C LEU A 83 10.72 20.41 29.13
N ALA A 84 10.30 19.24 29.59
CA ALA A 84 11.22 18.34 30.29
C ALA A 84 11.10 16.95 29.66
N TRP A 85 12.21 16.45 29.14
CA TRP A 85 12.20 15.17 28.46
C TRP A 85 13.59 14.53 28.50
N HIS A 86 13.64 13.20 28.63
CA HIS A 86 14.91 12.49 28.68
C HIS A 86 15.56 12.38 27.31
N SER A 87 14.74 12.40 26.26
CA SER A 87 15.26 12.26 24.91
C SER A 87 15.55 13.55 24.17
N GLN A 88 16.49 13.46 23.23
CA GLN A 88 16.89 14.59 22.39
C GLN A 88 17.36 15.81 23.14
N GLN A 89 17.98 15.60 24.31
CA GLN A 89 18.48 16.72 25.08
C GLN A 89 19.71 17.28 24.37
N PRO A 90 19.98 18.59 24.51
CA PRO A 90 21.16 19.14 23.85
C PRO A 90 22.42 18.59 24.52
N GLY A 91 23.52 18.55 23.78
CA GLY A 91 24.76 18.02 24.30
C GLY A 91 25.17 18.55 25.66
N TRP A 92 25.03 19.86 25.85
CA TRP A 92 25.40 20.47 27.11
C TRP A 92 24.57 19.99 28.30
N MET A 93 23.34 19.56 28.01
CA MET A 93 22.45 19.08 29.07
C MET A 93 22.66 17.60 29.38
N GLN A 94 22.94 16.81 28.35
CA GLN A 94 23.15 15.37 28.53
C GLN A 94 24.34 15.10 29.44
N SER A 95 25.27 16.04 29.51
CA SER A 95 26.45 15.89 30.33
C SER A 95 26.24 16.37 31.78
N LEU A 96 25.03 16.87 32.07
CA LEU A 96 24.72 17.34 33.42
C LEU A 96 23.99 16.29 34.25
N SER A 97 24.05 16.42 35.56
CA SER A 97 23.39 15.48 36.45
C SER A 97 23.18 16.09 37.83
N GLY A 98 22.47 15.36 38.69
CA GLY A 98 22.22 15.84 40.04
C GLY A 98 21.58 17.21 40.13
N SER A 99 21.92 17.93 41.20
CA SER A 99 21.40 19.27 41.45
C SER A 99 21.59 20.21 40.27
N THR A 100 22.72 20.08 39.58
CA THR A 100 23.01 20.93 38.45
C THR A 100 22.00 20.71 37.32
N LEU A 101 21.70 19.43 37.05
CA LEU A 101 20.72 19.09 36.02
C LEU A 101 19.34 19.58 36.44
N ARG A 102 19.00 19.35 37.70
CA ARG A 102 17.72 19.78 38.23
C ARG A 102 17.54 21.26 38.00
N GLN A 103 18.58 22.03 38.31
CA GLN A 103 18.54 23.48 38.12
C GLN A 103 18.39 23.84 36.64
N ALA A 104 19.09 23.11 35.78
CA ALA A 104 19.02 23.35 34.35
C ALA A 104 17.58 23.12 33.89
N MET A 105 16.97 22.04 34.36
CA MET A 105 15.59 21.72 34.01
C MET A 105 14.69 22.91 34.39
N ILE A 106 14.84 23.37 35.62
CA ILE A 106 14.06 24.50 36.11
C ILE A 106 14.32 25.76 35.29
N ASP A 107 15.59 26.02 34.96
CA ASP A 107 15.94 27.19 34.19
C ASP A 107 15.33 27.13 32.79
N HIS A 108 15.41 25.96 32.18
CA HIS A 108 14.86 25.77 30.83
C HIS A 108 13.36 26.05 30.79
N ILE A 109 12.64 25.59 31.82
CA ILE A 109 11.19 25.80 31.89
C ILE A 109 10.84 27.27 32.00
N ASN A 110 11.59 28.00 32.83
CA ASN A 110 11.34 29.42 33.02
C ASN A 110 11.64 30.23 31.77
N GLY A 111 12.70 29.86 31.07
CA GLY A 111 13.08 30.58 29.87
C GLY A 111 12.07 30.40 28.75
N VAL A 112 11.72 29.15 28.46
CA VAL A 112 10.77 28.85 27.38
C VAL A 112 9.36 29.35 27.69
N MET A 113 8.85 29.04 28.88
CA MET A 113 7.51 29.48 29.25
C MET A 113 7.44 31.00 29.41
N GLY A 114 8.55 31.60 29.84
CA GLY A 114 8.57 33.04 30.01
C GLY A 114 8.43 33.72 28.66
N HIS A 115 9.06 33.14 27.66
CA HIS A 115 9.02 33.66 26.31
C HIS A 115 7.60 33.60 25.73
N TYR A 116 6.92 32.48 25.95
CA TYR A 116 5.57 32.25 25.45
C TYR A 116 4.48 32.50 26.50
N LYS A 117 4.84 33.16 27.59
CA LYS A 117 3.88 33.41 28.66
C LYS A 117 2.52 33.90 28.18
N GLY A 118 1.49 33.12 28.48
CA GLY A 118 0.13 33.49 28.11
C GLY A 118 -0.26 33.28 26.65
N LYS A 119 0.64 32.69 25.87
CA LYS A 119 0.35 32.47 24.45
C LYS A 119 0.12 30.99 24.11
N ILE A 120 0.36 30.13 25.10
CA ILE A 120 0.22 28.68 24.91
C ILE A 120 -0.98 28.09 25.63
N ALA A 121 -1.84 27.39 24.88
CA ALA A 121 -3.03 26.79 25.47
C ALA A 121 -2.69 25.65 26.42
N GLN A 122 -1.79 24.79 25.97
CA GLN A 122 -1.35 23.62 26.75
C GLN A 122 0.14 23.43 26.56
N TRP A 123 0.81 23.00 27.63
CA TRP A 123 2.23 22.72 27.58
C TRP A 123 2.45 21.27 28.00
N ASP A 124 3.25 20.53 27.26
CA ASP A 124 3.58 19.17 27.67
C ASP A 124 4.79 19.47 28.55
N VAL A 125 4.54 19.69 29.83
CA VAL A 125 5.61 20.00 30.77
C VAL A 125 6.62 18.86 30.87
N VAL A 126 6.12 17.67 31.20
CA VAL A 126 6.97 16.50 31.31
C VAL A 126 6.52 15.50 30.25
N ASN A 127 7.49 14.91 29.56
CA ASN A 127 7.19 13.96 28.50
C ASN A 127 7.84 12.59 28.70
N GLU A 128 7.05 11.55 28.49
CA GLU A 128 7.49 10.17 28.58
C GLU A 128 8.44 9.85 29.74
N ALA A 129 7.93 9.95 30.97
CA ALA A 129 8.74 9.69 32.16
C ALA A 129 8.58 8.28 32.71
N PHE A 130 7.70 7.48 32.11
CA PHE A 130 7.51 6.11 32.59
C PHE A 130 8.12 5.08 31.66
N SER A 131 8.48 3.94 32.25
CA SER A 131 9.12 2.85 31.50
C SER A 131 8.15 1.93 30.77
N ASP A 132 8.67 1.24 29.76
CA ASP A 132 7.88 0.30 28.99
C ASP A 132 8.24 -1.13 29.42
N ASP A 133 9.07 -1.25 30.45
CA ASP A 133 9.50 -2.57 30.93
C ASP A 133 8.38 -3.41 31.51
N GLY A 134 7.22 -2.79 31.74
CA GLY A 134 6.09 -3.53 32.28
C GLY A 134 5.96 -3.50 33.79
N SER A 135 6.83 -2.74 34.44
CA SER A 135 6.81 -2.63 35.90
C SER A 135 5.91 -1.50 36.35
N GLY A 136 5.61 -0.59 35.43
CA GLY A 136 4.76 0.55 35.76
C GLY A 136 5.55 1.62 36.50
N GLY A 137 6.87 1.45 36.52
CA GLY A 137 7.73 2.42 37.20
C GLY A 137 8.28 3.53 36.33
N ARG A 138 9.07 4.40 36.95
CA ARG A 138 9.68 5.54 36.25
C ARG A 138 10.80 5.10 35.31
N ARG A 139 10.95 5.84 34.21
CA ARG A 139 11.99 5.55 33.25
C ARG A 139 13.31 5.96 33.90
N ASP A 140 14.34 5.14 33.76
CA ASP A 140 15.63 5.46 34.35
C ASP A 140 16.39 6.42 33.44
N SER A 141 16.41 7.69 33.82
CA SER A 141 17.11 8.71 33.03
C SER A 141 17.81 9.71 33.93
N ASN A 142 18.67 10.53 33.32
CA ASN A 142 19.41 11.55 34.04
C ASN A 142 18.45 12.39 34.89
N LEU A 143 17.27 12.64 34.35
CA LEU A 143 16.25 13.42 35.05
C LEU A 143 15.73 12.69 36.28
N GLN A 144 15.33 11.44 36.10
CA GLN A 144 14.81 10.65 37.21
C GLN A 144 15.85 10.47 38.31
N ARG A 145 17.12 10.42 37.94
CA ARG A 145 18.19 10.25 38.91
C ARG A 145 18.41 11.49 39.77
N THR A 146 17.90 12.63 39.33
CA THR A 146 18.06 13.86 40.10
C THR A 146 17.13 13.80 41.31
N GLY A 147 16.22 12.83 41.29
CA GLY A 147 15.27 12.68 42.37
C GLY A 147 13.89 12.40 41.81
N ASN A 148 13.15 11.50 42.45
CA ASN A 148 11.82 11.13 41.99
C ASN A 148 10.84 12.30 41.93
N ASP A 149 11.15 13.37 42.64
CA ASP A 149 10.28 14.54 42.69
C ASP A 149 10.49 15.50 41.52
N TRP A 150 11.32 15.13 40.55
CA TRP A 150 11.58 16.02 39.43
C TRP A 150 10.33 16.39 38.63
N ILE A 151 9.41 15.44 38.47
CA ILE A 151 8.19 15.70 37.72
C ILE A 151 7.35 16.75 38.44
N GLU A 152 7.11 16.53 39.73
CA GLU A 152 6.34 17.46 40.54
C GLU A 152 7.00 18.82 40.50
N VAL A 153 8.32 18.85 40.62
CA VAL A 153 9.08 20.09 40.59
C VAL A 153 8.88 20.78 39.24
N ALA A 154 8.90 20.00 38.18
CA ALA A 154 8.70 20.52 36.83
C ALA A 154 7.35 21.24 36.73
N PHE A 155 6.30 20.57 37.22
CA PHE A 155 4.97 21.15 37.17
C PHE A 155 4.83 22.39 38.06
N ARG A 156 5.37 22.33 39.27
CA ARG A 156 5.29 23.49 40.16
C ARG A 156 6.02 24.65 39.50
N THR A 157 7.17 24.37 38.90
CA THR A 157 7.95 25.40 38.22
C THR A 157 7.14 26.02 37.07
N ALA A 158 6.54 25.15 36.26
CA ALA A 158 5.75 25.60 35.11
C ALA A 158 4.56 26.48 35.50
N ARG A 159 3.82 26.06 36.51
CA ARG A 159 2.66 26.82 36.97
C ARG A 159 3.06 28.25 37.32
N ALA A 160 4.19 28.41 37.99
CA ALA A 160 4.67 29.73 38.38
C ALA A 160 5.11 30.55 37.17
N ALA A 161 5.76 29.91 36.21
CA ALA A 161 6.23 30.59 35.01
C ALA A 161 5.08 31.13 34.16
N ASP A 162 3.96 30.42 34.17
CA ASP A 162 2.80 30.86 33.40
C ASP A 162 1.55 30.14 33.89
N PRO A 163 0.81 30.78 34.82
CA PRO A 163 -0.41 30.19 35.37
C PRO A 163 -1.60 30.10 34.42
N ALA A 164 -1.50 30.75 33.26
CA ALA A 164 -2.58 30.73 32.29
C ALA A 164 -2.55 29.50 31.38
N ALA A 165 -1.44 28.79 31.37
CA ALA A 165 -1.31 27.61 30.53
C ALA A 165 -1.76 26.32 31.22
N LYS A 166 -2.40 25.45 30.45
CA LYS A 166 -2.82 24.16 31.00
C LYS A 166 -1.58 23.28 30.98
N LEU A 167 -1.19 22.78 32.15
CA LEU A 167 0.00 21.95 32.27
C LEU A 167 -0.34 20.47 32.13
N CYS A 168 0.24 19.82 31.12
CA CYS A 168 0.00 18.42 30.84
C CYS A 168 1.20 17.50 31.04
N TYR A 169 0.91 16.25 31.36
CA TYR A 169 1.93 15.21 31.45
C TYR A 169 1.62 14.42 30.18
N ASN A 170 2.61 14.22 29.32
CA ASN A 170 2.40 13.52 28.06
C ASN A 170 3.20 12.21 27.96
N ASP A 171 2.57 11.16 27.44
CA ASP A 171 3.24 9.87 27.30
C ASP A 171 2.53 8.97 26.29
N TYR A 172 3.20 7.89 25.90
CA TYR A 172 2.65 6.94 24.95
C TYR A 172 2.48 5.58 25.64
N ASN A 173 1.69 4.70 25.04
CA ASN A 173 1.44 3.37 25.60
C ASN A 173 0.76 3.45 26.96
N ILE A 174 -0.07 4.48 27.15
CA ILE A 174 -0.82 4.67 28.38
C ILE A 174 -2.30 4.76 28.01
N GLU A 175 -2.65 4.22 26.84
CA GLU A 175 -4.03 4.24 26.35
C GLU A 175 -4.84 3.04 26.83
N ASN A 176 -4.22 1.86 26.86
CA ASN A 176 -4.90 0.66 27.29
C ASN A 176 -4.92 0.62 28.82
N TRP A 177 -6.13 0.65 29.38
CA TRP A 177 -6.30 0.66 30.82
C TRP A 177 -5.64 -0.49 31.58
N THR A 178 -5.48 -1.64 30.92
CA THR A 178 -4.87 -2.80 31.57
C THR A 178 -3.35 -2.78 31.66
N TRP A 179 -2.71 -1.95 30.85
CA TRP A 179 -1.24 -1.87 30.84
C TRP A 179 -0.68 -1.26 32.13
N ALA A 180 0.45 -1.81 32.59
CA ALA A 180 1.08 -1.33 33.81
C ALA A 180 1.55 0.12 33.69
N LYS A 181 1.99 0.50 32.50
CA LYS A 181 2.46 1.87 32.28
C LYS A 181 1.30 2.83 32.54
N THR A 182 0.12 2.49 32.02
CA THR A 182 -1.06 3.33 32.20
C THR A 182 -1.38 3.49 33.69
N GLN A 183 -1.30 2.39 34.43
CA GLN A 183 -1.58 2.43 35.86
C GLN A 183 -0.57 3.27 36.62
N GLY A 184 0.70 3.19 36.22
CA GLY A 184 1.72 3.96 36.87
C GLY A 184 1.41 5.44 36.73
N VAL A 185 1.09 5.86 35.51
CA VAL A 185 0.75 7.25 35.24
C VAL A 185 -0.51 7.63 36.01
N TYR A 186 -1.50 6.75 36.01
CA TYR A 186 -2.74 6.99 36.71
C TYR A 186 -2.48 7.27 38.19
N ASN A 187 -1.69 6.41 38.83
CA ASN A 187 -1.39 6.58 40.24
C ASN A 187 -0.65 7.88 40.54
N MET A 188 0.26 8.27 39.66
CA MET A 188 1.01 9.50 39.86
C MET A 188 0.08 10.71 39.79
N VAL A 189 -0.72 10.78 38.73
CA VAL A 189 -1.65 11.90 38.56
C VAL A 189 -2.63 11.97 39.72
N ARG A 190 -3.11 10.82 40.18
CA ARG A 190 -4.04 10.79 41.28
C ARG A 190 -3.35 11.37 42.53
N ASP A 191 -2.10 10.96 42.74
CA ASP A 191 -1.33 11.45 43.88
C ASP A 191 -1.15 12.96 43.79
N PHE A 192 -0.72 13.42 42.62
CA PHE A 192 -0.52 14.84 42.39
C PHE A 192 -1.76 15.64 42.74
N LYS A 193 -2.91 15.18 42.26
CA LYS A 193 -4.17 15.87 42.51
C LYS A 193 -4.55 15.89 44.00
N GLN A 194 -4.24 14.81 44.71
CA GLN A 194 -4.56 14.75 46.14
C GLN A 194 -3.64 15.67 46.94
N ARG A 195 -2.39 15.80 46.49
CA ARG A 195 -1.41 16.63 47.18
C ARG A 195 -1.35 18.07 46.66
N GLY A 196 -2.18 18.38 45.68
CA GLY A 196 -2.19 19.73 45.14
C GLY A 196 -1.12 20.07 44.13
N VAL A 197 -0.44 19.06 43.59
CA VAL A 197 0.58 19.33 42.59
C VAL A 197 -0.16 19.93 41.40
N PRO A 198 0.35 21.04 40.85
CA PRO A 198 -0.30 21.70 39.71
C PRO A 198 -0.25 21.00 38.34
N ILE A 199 -1.10 19.99 38.15
CA ILE A 199 -1.19 19.31 36.87
C ILE A 199 -2.64 19.46 36.41
N ASP A 200 -2.83 19.99 35.22
CA ASP A 200 -4.17 20.24 34.68
C ASP A 200 -4.62 19.26 33.62
N CYS A 201 -3.67 18.55 33.03
CA CYS A 201 -4.02 17.66 31.94
C CYS A 201 -3.09 16.49 31.71
N VAL A 202 -3.63 15.45 31.09
CA VAL A 202 -2.84 14.28 30.75
C VAL A 202 -2.95 14.09 29.25
N GLY A 203 -1.80 14.07 28.59
CA GLY A 203 -1.80 13.89 27.15
C GLY A 203 -1.51 12.46 26.76
N PHE A 204 -2.39 11.88 25.96
CA PHE A 204 -2.24 10.52 25.48
C PHE A 204 -1.77 10.59 24.03
N GLN A 205 -0.49 10.31 23.80
CA GLN A 205 0.06 10.37 22.45
C GLN A 205 -0.81 9.62 21.44
N SER A 206 -1.30 8.46 21.84
CA SER A 206 -2.18 7.67 20.98
C SER A 206 -1.55 7.16 19.67
N HIS A 207 -0.33 6.64 19.76
CA HIS A 207 0.34 6.08 18.60
C HIS A 207 -0.11 4.61 18.60
N PHE A 208 -1.07 4.30 17.73
CA PHE A 208 -1.60 2.94 17.65
C PHE A 208 -1.05 2.15 16.45
N ASN A 209 -0.65 0.91 16.69
CA ASN A 209 -0.14 0.02 15.66
C ASN A 209 -0.33 -1.42 16.13
N SER A 210 -0.08 -2.40 15.26
CA SER A 210 -0.29 -3.80 15.64
C SER A 210 0.48 -4.22 16.90
N GLY A 211 1.55 -3.50 17.23
CA GLY A 211 2.33 -3.83 18.41
C GLY A 211 1.70 -3.25 19.67
N SER A 212 0.99 -2.14 19.52
CA SER A 212 0.32 -1.46 20.63
C SER A 212 -0.99 -0.94 20.03
N PRO A 213 -1.92 -1.86 19.75
CA PRO A 213 -3.23 -1.56 19.16
C PRO A 213 -4.22 -0.76 19.99
N TYR A 214 -5.15 -0.15 19.27
CA TYR A 214 -6.21 0.61 19.89
C TYR A 214 -7.11 -0.42 20.54
N ASN A 215 -7.65 -0.09 21.71
CA ASN A 215 -8.56 -0.98 22.41
C ASN A 215 -9.69 -0.08 22.89
N SER A 216 -10.92 -0.57 22.81
CA SER A 216 -12.07 0.22 23.22
C SER A 216 -11.96 0.74 24.65
N ASN A 217 -11.17 0.06 25.50
CA ASN A 217 -11.05 0.53 26.87
C ASN A 217 -10.30 1.85 26.98
N PHE A 218 -9.87 2.38 25.84
CA PHE A 218 -9.19 3.67 25.82
C PHE A 218 -10.16 4.72 26.36
N ARG A 219 -11.43 4.60 26.00
CA ARG A 219 -12.43 5.55 26.47
C ARG A 219 -12.52 5.48 28.00
N THR A 220 -12.39 4.26 28.53
CA THR A 220 -12.45 4.05 29.97
C THR A 220 -11.25 4.73 30.63
N THR A 221 -10.08 4.59 30.01
CA THR A 221 -8.88 5.20 30.54
C THR A 221 -9.09 6.71 30.61
N LEU A 222 -9.56 7.29 29.52
CA LEU A 222 -9.82 8.74 29.47
C LEU A 222 -10.81 9.13 30.57
N GLN A 223 -11.89 8.37 30.68
CA GLN A 223 -12.92 8.64 31.69
C GLN A 223 -12.37 8.50 33.10
N ASN A 224 -11.49 7.53 33.33
CA ASN A 224 -10.92 7.35 34.66
C ASN A 224 -10.02 8.52 35.02
N PHE A 225 -9.23 9.00 34.06
CA PHE A 225 -8.37 10.14 34.33
C PHE A 225 -9.21 11.38 34.54
N ALA A 226 -10.21 11.58 33.69
CA ALA A 226 -11.08 12.74 33.80
C ALA A 226 -11.71 12.81 35.20
N ALA A 227 -12.06 11.64 35.73
CA ALA A 227 -12.66 11.54 37.06
C ALA A 227 -11.73 12.01 38.16
N LEU A 228 -10.43 12.09 37.86
CA LEU A 228 -9.44 12.54 38.84
C LEU A 228 -9.45 14.07 38.90
N GLY A 229 -10.12 14.70 37.94
CA GLY A 229 -10.19 16.16 37.93
C GLY A 229 -9.17 16.81 37.02
N VAL A 230 -8.74 16.10 35.98
CA VAL A 230 -7.78 16.65 35.03
C VAL A 230 -8.35 16.49 33.64
N ASP A 231 -8.03 17.42 32.75
CA ASP A 231 -8.52 17.31 31.38
C ASP A 231 -7.66 16.26 30.73
N VAL A 232 -8.12 15.77 29.59
CA VAL A 232 -7.38 14.77 28.84
C VAL A 232 -7.29 15.25 27.40
N ALA A 233 -6.20 14.88 26.73
CA ALA A 233 -6.01 15.27 25.35
C ALA A 233 -5.32 14.15 24.58
N ILE A 234 -5.75 13.94 23.34
CA ILE A 234 -5.17 12.95 22.45
C ILE A 234 -4.17 13.82 21.70
N THR A 235 -2.89 13.63 21.99
CA THR A 235 -1.84 14.49 21.46
C THR A 235 -1.02 14.18 20.22
N GLU A 236 -0.84 12.92 19.88
CA GLU A 236 -0.01 12.58 18.73
C GLU A 236 -0.61 11.41 17.98
N LEU A 237 -1.91 11.47 17.79
CA LEU A 237 -2.63 10.40 17.13
C LEU A 237 -2.22 10.04 15.71
N ASP A 238 -1.98 8.74 15.52
CA ASP A 238 -1.72 8.16 14.22
C ASP A 238 -2.03 6.67 14.38
N ILE A 239 -2.60 6.07 13.35
CA ILE A 239 -2.99 4.68 13.41
C ILE A 239 -2.43 3.90 12.23
N GLN A 240 -1.60 2.90 12.52
CA GLN A 240 -1.01 2.07 11.48
C GLN A 240 -2.13 1.52 10.61
N GLY A 241 -2.10 1.87 9.32
CA GLY A 241 -3.13 1.39 8.42
C GLY A 241 -4.26 2.40 8.27
N ALA A 242 -4.36 3.33 9.22
CA ALA A 242 -5.39 4.38 9.19
C ALA A 242 -6.81 3.84 9.01
N SER A 243 -7.15 2.80 9.75
CA SER A 243 -8.49 2.23 9.68
C SER A 243 -9.55 3.28 9.95
N SER A 244 -10.54 3.36 9.06
CA SER A 244 -11.63 4.34 9.20
C SER A 244 -12.38 4.13 10.51
N SER A 245 -12.59 2.86 10.87
CA SER A 245 -13.31 2.53 12.10
C SER A 245 -12.53 2.89 13.36
N THR A 246 -11.22 2.67 13.34
CA THR A 246 -10.40 2.98 14.51
C THR A 246 -10.29 4.49 14.70
N TYR A 247 -10.15 5.22 13.60
CA TYR A 247 -10.05 6.67 13.69
C TYR A 247 -11.38 7.24 14.20
N ALA A 248 -12.49 6.67 13.76
CA ALA A 248 -13.81 7.13 14.21
C ALA A 248 -14.02 6.75 15.67
N ALA A 249 -13.52 5.58 16.06
CA ALA A 249 -13.65 5.10 17.43
C ALA A 249 -12.91 6.04 18.38
N VAL A 250 -11.68 6.41 18.02
CA VAL A 250 -10.90 7.31 18.85
C VAL A 250 -11.59 8.67 18.92
N THR A 251 -12.10 9.14 17.78
CA THR A 251 -12.79 10.42 17.73
C THR A 251 -13.99 10.37 18.68
N ASN A 252 -14.79 9.32 18.58
CA ASN A 252 -15.96 9.19 19.44
C ASN A 252 -15.60 9.03 20.92
N ASP A 253 -14.43 8.45 21.21
CA ASP A 253 -14.02 8.30 22.60
C ASP A 253 -13.82 9.67 23.22
N CYS A 254 -13.26 10.60 22.45
CA CYS A 254 -13.03 11.95 22.94
C CYS A 254 -14.36 12.68 23.08
N LEU A 255 -15.23 12.52 22.09
CA LEU A 255 -16.54 13.17 22.13
C LEU A 255 -17.39 12.65 23.29
N ALA A 256 -17.07 11.44 23.76
CA ALA A 256 -17.80 10.82 24.86
C ALA A 256 -17.30 11.27 26.24
N VAL A 257 -16.19 12.00 26.26
CA VAL A 257 -15.59 12.48 27.51
C VAL A 257 -15.61 14.00 27.57
N SER A 258 -16.39 14.55 28.50
CA SER A 258 -16.51 15.99 28.64
C SER A 258 -15.16 16.70 28.79
N ARG A 259 -14.24 16.06 29.50
CA ARG A 259 -12.91 16.60 29.75
C ARG A 259 -11.92 16.44 28.59
N CYS A 260 -12.32 15.76 27.53
CA CYS A 260 -11.39 15.59 26.40
C CYS A 260 -11.40 16.88 25.58
N LEU A 261 -10.33 17.64 25.73
CA LEU A 261 -10.17 18.94 25.07
C LEU A 261 -10.15 18.88 23.54
N GLY A 262 -9.56 17.83 22.99
CA GLY A 262 -9.48 17.73 21.55
C GLY A 262 -8.53 16.65 21.09
N ILE A 263 -8.35 16.58 19.78
CA ILE A 263 -7.48 15.57 19.19
C ILE A 263 -6.46 16.19 18.25
N THR A 264 -5.23 15.73 18.35
CA THR A 264 -4.16 16.19 17.48
C THR A 264 -3.61 14.94 16.80
N VAL A 265 -3.57 14.95 15.46
CA VAL A 265 -3.01 13.84 14.71
C VAL A 265 -1.56 14.25 14.46
N TRP A 266 -0.64 13.28 14.53
CA TRP A 266 0.78 13.59 14.39
C TRP A 266 1.28 13.80 12.96
N GLY A 267 0.78 14.83 12.30
CA GLY A 267 1.21 15.12 10.94
C GLY A 267 0.04 15.37 10.01
N VAL A 268 0.32 16.00 8.86
CA VAL A 268 -0.70 16.31 7.88
C VAL A 268 -0.91 15.17 6.88
N ARG A 269 0.13 14.85 6.11
CA ARG A 269 0.06 13.77 5.11
C ARG A 269 0.91 12.58 5.55
N ASP A 270 0.60 11.39 5.04
CA ASP A 270 1.36 10.19 5.40
C ASP A 270 2.84 10.39 5.11
N THR A 271 3.14 11.14 4.05
CA THR A 271 4.52 11.39 3.67
C THR A 271 5.22 12.32 4.66
N ASP A 272 4.45 12.99 5.49
CA ASP A 272 5.00 13.90 6.50
C ASP A 272 5.21 13.19 7.83
N SER A 273 4.64 11.99 7.94
CA SER A 273 4.70 11.20 9.16
C SER A 273 6.05 10.62 9.53
N TRP A 274 6.33 10.59 10.83
CA TRP A 274 7.58 10.04 11.34
C TRP A 274 7.53 8.53 11.13
N ARG A 275 6.35 8.04 10.76
CA ARG A 275 6.13 6.62 10.50
C ARG A 275 5.34 6.47 9.20
N SER A 276 5.80 7.14 8.16
CA SER A 276 5.16 7.11 6.85
C SER A 276 4.88 5.70 6.37
N GLY A 277 5.73 4.76 6.76
CA GLY A 277 5.55 3.37 6.35
C GLY A 277 4.22 2.79 6.82
N ASP A 278 3.71 3.30 7.93
CA ASP A 278 2.44 2.82 8.44
C ASP A 278 1.25 3.58 7.86
N THR A 279 1.51 4.53 6.95
CA THR A 279 0.48 5.35 6.32
C THR A 279 -0.63 5.53 7.36
N PRO A 280 -0.28 6.09 8.52
CA PRO A 280 -1.14 6.33 9.68
C PRO A 280 -1.91 7.64 9.81
N LEU A 281 -1.85 8.52 8.81
CA LEU A 281 -2.54 9.80 8.92
C LEU A 281 -3.82 9.91 8.10
N LEU A 282 -4.42 11.10 8.08
CA LEU A 282 -5.69 11.31 7.38
C LEU A 282 -5.63 11.76 5.91
N PHE A 283 -4.43 12.13 5.44
CA PHE A 283 -4.28 12.54 4.05
C PHE A 283 -3.13 11.77 3.38
N ASN A 284 -3.25 11.53 2.08
CA ASN A 284 -2.22 10.82 1.32
C ASN A 284 -1.09 11.74 0.92
N GLY A 285 -0.01 11.13 0.41
CA GLY A 285 1.13 11.91 -0.02
C GLY A 285 0.72 12.96 -1.04
N ASP A 286 -0.16 12.59 -1.95
CA ASP A 286 -0.62 13.55 -2.96
C ASP A 286 -1.63 14.54 -2.38
N GLY A 287 -1.83 14.48 -1.07
CA GLY A 287 -2.73 15.41 -0.40
C GLY A 287 -4.22 15.12 -0.45
N SER A 288 -4.59 13.95 -0.98
CA SER A 288 -6.01 13.61 -1.05
C SER A 288 -6.51 13.05 0.27
N LYS A 289 -7.76 13.38 0.60
CA LYS A 289 -8.37 12.89 1.83
C LYS A 289 -8.52 11.39 1.75
N LYS A 290 -8.20 10.70 2.84
CA LYS A 290 -8.30 9.25 2.88
C LYS A 290 -9.68 8.86 3.42
N ALA A 291 -9.98 7.56 3.38
CA ALA A 291 -11.26 7.07 3.86
C ALA A 291 -11.44 7.46 5.32
N ALA A 292 -10.34 7.43 6.08
CA ALA A 292 -10.38 7.77 7.50
C ALA A 292 -10.76 9.23 7.74
N TYR A 293 -10.35 10.13 6.85
CA TYR A 293 -10.69 11.53 7.01
C TYR A 293 -12.21 11.71 7.10
N THR A 294 -12.92 11.12 6.15
CA THR A 294 -14.37 11.23 6.11
C THR A 294 -15.00 10.62 7.36
N ALA A 295 -14.44 9.53 7.85
CA ALA A 295 -14.95 8.87 9.04
C ALA A 295 -14.81 9.79 10.26
N VAL A 296 -13.68 10.46 10.37
CA VAL A 296 -13.43 11.36 11.48
C VAL A 296 -14.35 12.59 11.40
N LEU A 297 -14.46 13.16 10.21
CA LEU A 297 -15.32 14.32 10.02
C LEU A 297 -16.75 13.95 10.37
N ASN A 298 -17.23 12.83 9.82
CA ASN A 298 -18.58 12.37 10.07
C ASN A 298 -18.83 12.18 11.58
N ALA A 299 -17.83 11.66 12.30
CA ALA A 299 -17.97 11.45 13.74
C ALA A 299 -18.06 12.79 14.46
N LEU A 300 -17.15 13.70 14.11
CA LEU A 300 -17.14 15.04 14.71
C LEU A 300 -18.46 15.77 14.49
N ASN A 301 -19.11 15.51 13.36
CA ASN A 301 -20.37 16.17 13.05
C ASN A 301 -21.56 15.53 13.75
N GLY A 302 -21.29 14.57 14.62
CA GLY A 302 -22.37 13.91 15.35
C GLY A 302 -22.82 12.61 14.73
N GLY A 303 -21.91 11.92 14.04
CA GLY A 303 -22.26 10.66 13.41
C GLY A 303 -23.49 10.76 12.54
N SER A 304 -24.29 9.69 12.51
CA SER A 304 -25.52 9.66 11.72
C SER A 304 -26.73 9.44 12.61
N SER A 305 -27.91 9.50 11.99
CA SER A 305 -29.16 9.31 12.73
C SER A 305 -29.36 7.83 13.05
N THR A 306 -28.65 6.97 12.34
CA THR A 306 -28.73 5.53 12.54
C THR A 306 -27.38 4.87 12.25
N PRO A 307 -26.92 3.99 13.16
CA PRO A 307 -25.65 3.28 13.00
C PRO A 307 -25.49 2.64 11.62
N PRO A 308 -24.54 3.15 10.82
CA PRO A 308 -24.26 2.66 9.46
C PRO A 308 -24.08 1.14 9.38
N PRO A 309 -24.54 0.54 8.26
CA PRO A 309 -24.45 -0.90 8.02
C PRO A 309 -23.02 -1.44 8.19
N SER A 310 -22.91 -2.75 8.41
CA SER A 310 -21.60 -3.37 8.60
C SER A 310 -21.46 -4.69 7.87
N GLY A 311 -20.61 -4.70 6.84
CA GLY A 311 -20.37 -5.91 6.07
C GLY A 311 -21.57 -6.41 5.29
N GLY A 312 -21.46 -6.36 3.96
CA GLY A 312 -22.53 -6.84 3.10
C GLY A 312 -23.81 -6.04 3.16
N GLY A 313 -24.05 -5.24 2.13
CA GLY A 313 -25.26 -4.43 2.08
C GLY A 313 -25.44 -3.82 0.70
N GLN A 314 -26.68 -3.46 0.39
CA GLN A 314 -26.98 -2.86 -0.89
C GLN A 314 -26.66 -1.37 -0.86
N ILE A 315 -26.37 -0.81 -2.03
CA ILE A 315 -26.08 0.60 -2.17
C ILE A 315 -27.07 1.08 -3.22
N LYS A 316 -28.12 1.75 -2.77
CA LYS A 316 -29.17 2.22 -3.67
C LYS A 316 -29.06 3.69 -4.04
N GLY A 317 -29.20 3.97 -5.33
CA GLY A 317 -29.14 5.33 -5.81
C GLY A 317 -30.42 6.05 -5.46
N VAL A 318 -30.31 7.29 -4.99
CA VAL A 318 -31.48 8.07 -4.60
C VAL A 318 -32.36 8.42 -5.79
N GLY A 319 -31.77 9.05 -6.80
CA GLY A 319 -32.52 9.44 -7.97
C GLY A 319 -33.16 8.32 -8.77
N SER A 320 -32.50 7.16 -8.83
CA SER A 320 -33.03 6.02 -9.58
C SER A 320 -33.83 5.04 -8.74
N GLY A 321 -33.46 4.90 -7.47
CA GLY A 321 -34.15 3.96 -6.61
C GLY A 321 -33.67 2.56 -6.93
N ARG A 322 -32.59 2.47 -7.71
CA ARG A 322 -32.01 1.18 -8.08
C ARG A 322 -30.66 0.98 -7.40
N CYS A 323 -30.22 -0.28 -7.35
CA CYS A 323 -28.97 -0.63 -6.68
C CYS A 323 -27.73 -0.83 -7.52
N LEU A 324 -26.58 -0.60 -6.89
CA LEU A 324 -25.28 -0.77 -7.53
C LEU A 324 -25.23 -2.25 -7.82
N ASP A 325 -25.12 -2.60 -9.10
CA ASP A 325 -25.16 -3.99 -9.51
C ASP A 325 -24.04 -4.39 -10.47
N VAL A 326 -23.47 -5.57 -10.26
CA VAL A 326 -22.42 -6.07 -11.15
C VAL A 326 -23.14 -6.90 -12.21
N PRO A 327 -23.14 -6.44 -13.47
CA PRO A 327 -23.80 -7.12 -14.59
C PRO A 327 -23.70 -8.66 -14.58
N ASN A 328 -24.86 -9.31 -14.52
CA ASN A 328 -24.96 -10.77 -14.51
C ASN A 328 -24.06 -11.46 -13.49
N ALA A 329 -23.80 -10.79 -12.38
CA ALA A 329 -22.96 -11.33 -11.31
C ALA A 329 -21.59 -11.77 -11.83
N SER A 330 -21.08 -11.05 -12.83
CA SER A 330 -19.77 -11.35 -13.39
C SER A 330 -18.68 -11.13 -12.34
N THR A 331 -17.58 -11.87 -12.46
CA THR A 331 -16.46 -11.73 -11.53
C THR A 331 -15.23 -11.36 -12.35
N THR A 332 -15.47 -11.04 -13.62
CA THR A 332 -14.41 -10.67 -14.56
C THR A 332 -13.89 -9.27 -14.29
N ASP A 333 -12.58 -9.15 -14.10
CA ASP A 333 -11.98 -7.85 -13.86
C ASP A 333 -12.27 -6.96 -15.05
N GLY A 334 -12.64 -5.72 -14.80
CA GLY A 334 -12.94 -4.81 -15.88
C GLY A 334 -14.43 -4.68 -16.17
N THR A 335 -15.25 -5.42 -15.44
CA THR A 335 -16.68 -5.35 -15.66
C THR A 335 -17.22 -4.05 -15.04
N GLN A 336 -17.75 -3.17 -15.88
CA GLN A 336 -18.29 -1.90 -15.39
C GLN A 336 -19.60 -2.15 -14.65
N VAL A 337 -19.73 -1.53 -13.48
CA VAL A 337 -20.93 -1.71 -12.67
C VAL A 337 -22.08 -0.87 -13.23
N GLN A 338 -23.30 -1.22 -12.85
CA GLN A 338 -24.49 -0.54 -13.34
C GLN A 338 -25.55 -0.39 -12.25
N LEU A 339 -26.66 0.25 -12.62
CA LEU A 339 -27.79 0.41 -11.72
C LEU A 339 -28.76 -0.69 -12.12
N TYR A 340 -29.43 -1.28 -11.15
CA TYR A 340 -30.39 -2.33 -11.46
C TYR A 340 -31.38 -2.52 -10.32
N ASP A 341 -32.59 -2.98 -10.65
CA ASP A 341 -33.62 -3.21 -9.65
C ASP A 341 -33.02 -3.98 -8.49
N CYS A 342 -33.18 -3.44 -7.29
CA CYS A 342 -32.63 -4.06 -6.09
C CYS A 342 -33.25 -5.41 -5.75
N HIS A 343 -32.40 -6.38 -5.46
CA HIS A 343 -32.84 -7.73 -5.09
C HIS A 343 -31.71 -8.42 -4.33
N SER A 344 -32.08 -9.37 -3.46
CA SER A 344 -31.08 -10.08 -2.67
C SER A 344 -30.22 -10.99 -3.53
N ALA A 345 -29.01 -10.55 -3.82
CA ALA A 345 -28.07 -11.32 -4.63
C ALA A 345 -26.66 -10.82 -4.29
N THR A 346 -25.68 -11.72 -4.33
CA THR A 346 -24.31 -11.35 -4.01
C THR A 346 -23.75 -10.25 -4.90
N ASN A 347 -24.23 -10.16 -6.14
CA ASN A 347 -23.73 -9.14 -7.05
C ASN A 347 -24.28 -7.75 -6.72
N GLN A 348 -24.96 -7.64 -5.58
CA GLN A 348 -25.51 -6.37 -5.12
C GLN A 348 -25.16 -6.13 -3.65
N GLN A 349 -24.38 -7.03 -3.08
CA GLN A 349 -23.97 -6.91 -1.68
C GLN A 349 -22.55 -6.34 -1.58
N TRP A 350 -22.44 -5.08 -1.15
CA TRP A 350 -21.15 -4.43 -1.03
C TRP A 350 -20.73 -4.23 0.42
N THR A 351 -19.45 -4.51 0.69
CA THR A 351 -18.93 -4.35 2.04
C THR A 351 -17.91 -3.22 2.04
N TYR A 352 -18.15 -2.21 2.87
CA TYR A 352 -17.23 -1.08 2.99
C TYR A 352 -16.23 -1.43 4.08
N THR A 353 -14.98 -1.65 3.68
CA THR A 353 -13.94 -2.02 4.65
C THR A 353 -13.31 -0.83 5.34
N ASP A 354 -12.60 -1.10 6.43
CA ASP A 354 -11.96 -0.04 7.20
C ASP A 354 -10.95 0.73 6.35
N ALA A 355 -10.38 0.07 5.35
CA ALA A 355 -9.40 0.70 4.48
C ALA A 355 -10.08 1.56 3.42
N GLY A 356 -11.40 1.47 3.32
CA GLY A 356 -12.12 2.28 2.35
C GLY A 356 -12.47 1.58 1.05
N GLU A 357 -12.30 0.26 0.99
CA GLU A 357 -12.64 -0.47 -0.21
C GLU A 357 -14.12 -0.81 -0.17
N LEU A 358 -14.69 -1.05 -1.34
CA LEU A 358 -16.08 -1.45 -1.43
C LEU A 358 -15.98 -2.81 -2.09
N ARG A 359 -16.05 -3.86 -1.27
CA ARG A 359 -15.92 -5.24 -1.73
C ARG A 359 -17.20 -5.96 -2.08
N VAL A 360 -17.10 -6.85 -3.05
CA VAL A 360 -18.22 -7.66 -3.50
C VAL A 360 -17.65 -9.06 -3.79
N TYR A 361 -18.45 -10.09 -3.53
CA TYR A 361 -18.04 -11.47 -3.73
C TYR A 361 -16.96 -11.88 -2.74
N GLY A 362 -16.50 -10.94 -1.92
CA GLY A 362 -15.47 -11.26 -0.96
C GLY A 362 -14.08 -10.78 -1.32
N ASP A 363 -13.70 -10.84 -2.59
CA ASP A 363 -12.37 -10.40 -2.99
C ASP A 363 -12.32 -9.57 -4.27
N LYS A 364 -13.45 -8.95 -4.62
CA LYS A 364 -13.53 -8.09 -5.79
C LYS A 364 -13.77 -6.68 -5.26
N CYS A 365 -13.13 -5.68 -5.87
CA CYS A 365 -13.24 -4.30 -5.41
C CYS A 365 -13.77 -3.27 -6.42
N LEU A 366 -14.59 -2.35 -5.94
CA LEU A 366 -15.12 -1.29 -6.79
C LEU A 366 -13.83 -0.58 -7.23
N ASP A 367 -13.65 -0.48 -8.53
CA ASP A 367 -12.42 0.05 -9.10
C ASP A 367 -12.62 1.12 -10.18
N ALA A 368 -11.85 2.20 -10.10
CA ALA A 368 -11.94 3.27 -11.08
C ALA A 368 -10.71 3.20 -11.99
N ALA A 369 -10.96 3.17 -13.30
CA ALA A 369 -9.87 3.10 -14.27
C ALA A 369 -9.00 4.36 -14.16
N GLY A 370 -9.45 5.45 -14.76
CA GLY A 370 -8.70 6.69 -14.72
C GLY A 370 -9.05 7.59 -13.55
N THR A 371 -8.76 8.89 -13.69
CA THR A 371 -9.05 9.85 -12.63
C THR A 371 -9.88 11.05 -13.10
N GLY A 372 -10.20 11.09 -14.39
CA GLY A 372 -10.99 12.21 -14.89
C GLY A 372 -12.47 11.88 -15.02
N ASN A 373 -13.26 12.88 -15.39
CA ASN A 373 -14.69 12.68 -15.56
C ASN A 373 -14.93 11.62 -16.63
N GLY A 374 -15.97 10.81 -16.44
CA GLY A 374 -16.28 9.78 -17.41
C GLY A 374 -15.58 8.46 -17.16
N THR A 375 -14.59 8.45 -16.29
CA THR A 375 -13.87 7.22 -15.98
C THR A 375 -14.85 6.11 -15.63
N LYS A 376 -14.65 4.93 -16.20
CA LYS A 376 -15.52 3.81 -15.91
C LYS A 376 -15.29 3.27 -14.51
N VAL A 377 -16.37 2.98 -13.79
CA VAL A 377 -16.27 2.40 -12.46
C VAL A 377 -16.60 0.94 -12.68
N GLN A 378 -15.68 0.08 -12.25
CA GLN A 378 -15.80 -1.36 -12.45
C GLN A 378 -15.38 -2.15 -11.22
N ILE A 379 -15.27 -3.46 -11.39
CA ILE A 379 -14.78 -4.32 -10.33
C ILE A 379 -13.42 -4.81 -10.80
N TYR A 380 -12.52 -5.03 -9.86
CA TYR A 380 -11.18 -5.50 -10.16
C TYR A 380 -10.69 -6.17 -8.90
N SER A 381 -9.78 -7.14 -9.04
CA SER A 381 -9.23 -7.83 -7.89
C SER A 381 -8.78 -6.80 -6.86
N CYS A 382 -9.09 -7.05 -5.60
CA CYS A 382 -8.72 -6.13 -4.54
C CYS A 382 -7.22 -6.12 -4.27
N TRP A 383 -6.64 -4.93 -4.22
CA TRP A 383 -5.22 -4.81 -3.92
C TRP A 383 -4.92 -3.56 -3.11
N GLY A 384 -5.93 -2.71 -2.91
CA GLY A 384 -5.74 -1.53 -2.10
C GLY A 384 -5.22 -0.26 -2.74
N GLY A 385 -5.25 -0.16 -4.06
CA GLY A 385 -4.79 1.06 -4.71
C GLY A 385 -5.76 2.18 -4.35
N ASP A 386 -5.31 3.42 -4.40
CA ASP A 386 -6.20 4.54 -4.06
C ASP A 386 -7.40 4.64 -4.99
N ASN A 387 -7.32 3.99 -6.14
CA ASN A 387 -8.44 4.00 -7.09
C ASN A 387 -9.43 2.92 -6.70
N GLN A 388 -9.18 2.26 -5.57
CA GLN A 388 -10.09 1.23 -5.06
C GLN A 388 -10.56 1.64 -3.66
N LYS A 389 -10.24 2.87 -3.28
CA LYS A 389 -10.64 3.36 -1.96
C LYS A 389 -11.66 4.47 -2.13
N TRP A 390 -12.66 4.45 -1.26
CA TRP A 390 -13.74 5.41 -1.35
C TRP A 390 -14.12 6.06 -0.03
N ARG A 391 -14.73 7.24 -0.12
CA ARG A 391 -15.17 8.00 1.03
C ARG A 391 -16.68 8.12 1.02
N LEU A 392 -17.31 7.76 2.14
CA LEU A 392 -18.76 7.83 2.28
C LEU A 392 -19.16 9.16 2.90
N ASN A 393 -19.40 10.16 2.06
CA ASN A 393 -19.79 11.48 2.56
C ASN A 393 -21.17 11.45 3.19
N SER A 394 -21.33 12.23 4.26
CA SER A 394 -22.61 12.28 4.96
C SER A 394 -23.73 12.75 4.05
N ASP A 395 -23.38 13.48 2.99
CA ASP A 395 -24.39 13.98 2.06
C ASP A 395 -24.89 12.88 1.12
N GLY A 396 -24.40 11.67 1.33
CA GLY A 396 -24.83 10.54 0.50
C GLY A 396 -23.98 10.26 -0.72
N SER A 397 -23.02 11.12 -1.03
CA SER A 397 -22.18 10.88 -2.19
C SER A 397 -21.05 9.93 -1.81
N ILE A 398 -20.48 9.28 -2.82
CA ILE A 398 -19.37 8.35 -2.63
C ILE A 398 -18.24 8.85 -3.51
N VAL A 399 -17.15 9.29 -2.89
CA VAL A 399 -16.02 9.84 -3.61
C VAL A 399 -14.78 8.94 -3.64
N GLY A 400 -14.14 8.88 -4.79
CA GLY A 400 -12.93 8.07 -4.92
C GLY A 400 -11.75 8.80 -4.32
N VAL A 401 -10.96 8.11 -3.51
CA VAL A 401 -9.80 8.74 -2.86
C VAL A 401 -8.80 9.31 -3.86
N GLN A 402 -8.42 8.51 -4.85
CA GLN A 402 -7.45 8.94 -5.84
C GLN A 402 -7.94 10.06 -6.75
N SER A 403 -9.15 9.90 -7.28
CA SER A 403 -9.71 10.89 -8.20
C SER A 403 -10.31 12.12 -7.55
N GLY A 404 -10.98 11.95 -6.43
CA GLY A 404 -11.62 13.08 -5.79
C GLY A 404 -12.94 13.32 -6.50
N LEU A 405 -13.33 12.36 -7.33
CA LEU A 405 -14.58 12.44 -8.06
C LEU A 405 -15.65 11.53 -7.46
N CYS A 406 -16.91 11.85 -7.73
CA CYS A 406 -18.05 11.11 -7.21
C CYS A 406 -18.58 9.99 -8.11
N LEU A 407 -19.15 8.96 -7.49
CA LEU A 407 -19.75 7.87 -8.26
C LEU A 407 -20.94 8.56 -8.93
N ASP A 408 -21.08 8.36 -10.23
CA ASP A 408 -22.12 9.04 -10.98
C ASP A 408 -22.85 8.15 -11.97
N ALA A 409 -24.17 8.15 -11.92
CA ALA A 409 -24.97 7.37 -12.86
C ALA A 409 -24.96 8.14 -14.19
N VAL A 410 -24.26 7.59 -15.17
CA VAL A 410 -24.13 8.21 -16.49
C VAL A 410 -25.38 8.94 -17.00
N GLY A 411 -25.18 10.21 -17.36
CA GLY A 411 -26.26 11.03 -17.88
C GLY A 411 -27.50 11.09 -17.03
N GLY A 412 -27.32 11.06 -15.71
CA GLY A 412 -28.45 11.10 -14.81
C GLY A 412 -29.40 9.94 -15.03
N GLY A 413 -28.93 8.93 -15.76
CA GLY A 413 -29.76 7.76 -16.03
C GLY A 413 -30.35 7.14 -14.78
N THR A 414 -31.52 6.51 -14.93
CA THR A 414 -32.19 5.88 -13.80
C THR A 414 -32.67 4.46 -14.10
N ALA A 415 -32.70 4.09 -15.37
CA ALA A 415 -33.16 2.77 -15.78
C ALA A 415 -32.13 1.67 -15.59
N ASN A 416 -32.58 0.43 -15.58
CA ASN A 416 -31.68 -0.70 -15.43
C ASN A 416 -30.65 -0.60 -16.54
N GLY A 417 -29.41 -0.96 -16.23
CA GLY A 417 -28.38 -0.89 -17.25
C GLY A 417 -27.62 0.42 -17.30
N THR A 418 -28.07 1.40 -16.51
CA THR A 418 -27.37 2.68 -16.49
C THR A 418 -25.97 2.39 -15.93
N LEU A 419 -24.94 2.80 -16.66
CA LEU A 419 -23.56 2.56 -16.26
C LEU A 419 -23.11 3.56 -15.19
N ILE A 420 -22.10 3.16 -14.42
CA ILE A 420 -21.58 4.02 -13.36
C ILE A 420 -20.22 4.56 -13.77
N GLN A 421 -20.02 5.85 -13.55
CA GLN A 421 -18.77 6.52 -13.91
C GLN A 421 -18.34 7.44 -12.77
N LEU A 422 -17.20 8.08 -12.96
CA LEU A 422 -16.68 9.05 -11.99
C LEU A 422 -16.99 10.41 -12.61
N TYR A 423 -17.31 11.39 -11.79
CA TYR A 423 -17.60 12.73 -12.30
C TYR A 423 -17.57 13.75 -11.17
N SER A 424 -17.17 14.98 -11.49
CA SER A 424 -17.11 16.05 -10.50
C SER A 424 -18.36 15.95 -9.64
N CYS A 425 -18.18 16.00 -8.32
CA CYS A 425 -19.31 15.90 -7.41
C CYS A 425 -20.28 17.06 -7.63
N SER A 426 -21.57 16.74 -7.68
CA SER A 426 -22.60 17.74 -7.96
C SER A 426 -23.76 17.83 -6.98
N ASN A 427 -23.79 16.93 -6.00
CA ASN A 427 -24.88 16.90 -5.03
C ASN A 427 -26.16 16.45 -5.73
N GLY A 428 -26.03 15.97 -6.97
CA GLY A 428 -27.18 15.52 -7.73
C GLY A 428 -27.70 14.18 -7.24
N SER A 429 -28.97 13.90 -7.52
CA SER A 429 -29.58 12.66 -7.07
C SER A 429 -28.96 11.44 -7.75
N ASN A 430 -28.27 11.67 -8.86
CA ASN A 430 -27.62 10.59 -9.59
C ASN A 430 -26.22 10.35 -9.02
N GLN A 431 -25.93 11.02 -7.91
CA GLN A 431 -24.65 10.89 -7.22
C GLN A 431 -24.88 10.66 -5.74
N ARG A 432 -26.13 10.43 -5.38
CA ARG A 432 -26.48 10.21 -3.98
C ARG A 432 -26.89 8.75 -3.79
N TRP A 433 -26.39 8.14 -2.71
CA TRP A 433 -26.70 6.75 -2.43
C TRP A 433 -27.01 6.54 -0.96
N THR A 434 -27.78 5.50 -0.66
CA THR A 434 -28.15 5.15 0.70
C THR A 434 -27.83 3.68 0.92
N ARG A 435 -27.29 3.34 2.07
CA ARG A 435 -26.95 1.95 2.37
C ARG A 435 -27.98 1.29 3.26
N THR A 436 -28.68 0.30 2.68
CA THR A 436 -29.70 -0.44 3.41
C THR A 436 -29.53 -1.94 3.13
N ALA B 1 8.67 -31.18 -6.77
CA ALA B 1 8.33 -29.80 -7.26
C ALA B 1 9.57 -28.91 -7.19
N GLU B 2 9.88 -28.21 -8.27
CA GLU B 2 11.05 -27.33 -8.27
C GLU B 2 10.85 -26.18 -7.28
N SER B 3 11.96 -25.60 -6.85
CA SER B 3 11.93 -24.52 -5.87
C SER B 3 12.12 -23.11 -6.40
N THR B 4 12.46 -22.96 -7.68
CA THR B 4 12.64 -21.63 -8.26
C THR B 4 11.86 -21.54 -9.56
N LEU B 5 11.47 -20.33 -9.93
CA LEU B 5 10.66 -20.11 -11.14
C LEU B 5 11.23 -20.67 -12.43
N GLY B 6 12.48 -20.35 -12.75
CA GLY B 6 13.09 -20.83 -13.97
C GLY B 6 13.11 -22.35 -14.04
N ALA B 7 13.59 -22.99 -12.98
CA ALA B 7 13.66 -24.44 -12.94
C ALA B 7 12.28 -25.08 -13.03
N ALA B 8 11.29 -24.47 -12.38
CA ALA B 8 9.94 -25.01 -12.42
C ALA B 8 9.40 -24.92 -13.85
N ALA B 9 9.65 -23.79 -14.50
CA ALA B 9 9.21 -23.60 -15.88
C ALA B 9 9.87 -24.64 -16.78
N ALA B 10 11.14 -24.91 -16.51
CA ALA B 10 11.90 -25.88 -17.30
C ALA B 10 11.29 -27.28 -17.23
N GLN B 11 10.51 -27.54 -16.19
CA GLN B 11 9.87 -28.86 -16.05
C GLN B 11 8.82 -29.07 -17.13
N SER B 12 8.45 -28.01 -17.84
CA SER B 12 7.48 -28.14 -18.93
C SER B 12 8.13 -27.66 -20.22
N GLY B 13 9.47 -27.59 -20.19
CA GLY B 13 10.22 -27.16 -21.37
C GLY B 13 10.14 -25.67 -21.63
N ARG B 14 9.75 -24.90 -20.63
CA ARG B 14 9.63 -23.46 -20.78
C ARG B 14 10.66 -22.71 -19.93
N TYR B 15 10.66 -21.39 -20.07
CA TYR B 15 11.58 -20.55 -19.32
C TYR B 15 10.78 -19.51 -18.53
N PHE B 16 11.39 -18.98 -17.47
CA PHE B 16 10.74 -17.93 -16.69
C PHE B 16 11.83 -16.88 -16.52
N GLY B 17 11.62 -15.71 -17.12
CA GLY B 17 12.63 -14.67 -17.03
C GLY B 17 12.19 -13.38 -16.41
N THR B 18 13.09 -12.39 -16.47
CA THR B 18 12.81 -11.08 -15.92
C THR B 18 13.53 -10.02 -16.76
N ALA B 19 13.26 -8.76 -16.46
CA ALA B 19 13.91 -7.64 -17.14
C ALA B 19 15.04 -7.21 -16.22
N ILE B 20 16.26 -7.20 -16.73
CA ILE B 20 17.41 -6.81 -15.93
C ILE B 20 17.86 -5.38 -16.22
N ALA B 21 18.13 -4.62 -15.16
CA ALA B 21 18.62 -3.25 -15.29
C ALA B 21 20.10 -3.33 -14.90
N SER B 22 20.97 -3.01 -15.84
CA SER B 22 22.42 -3.08 -15.58
C SER B 22 22.88 -2.29 -14.36
N GLY B 23 22.24 -1.14 -14.13
CA GLY B 23 22.61 -0.30 -13.00
C GLY B 23 22.28 -0.86 -11.63
N LYS B 24 21.51 -1.94 -11.60
CA LYS B 24 21.14 -2.57 -10.32
C LYS B 24 21.97 -3.82 -10.06
N LEU B 25 22.79 -4.23 -11.02
CA LEU B 25 23.60 -5.43 -10.88
C LEU B 25 24.66 -5.35 -9.79
N GLY B 26 24.89 -4.15 -9.27
CA GLY B 26 25.87 -3.99 -8.21
C GLY B 26 25.21 -4.17 -6.86
N ASP B 27 23.88 -4.32 -6.88
CA ASP B 27 23.06 -4.49 -5.68
C ASP B 27 22.87 -6.00 -5.38
N SER B 28 23.54 -6.50 -4.35
CA SER B 28 23.47 -7.91 -3.99
C SER B 28 22.07 -8.45 -3.74
N ALA B 29 21.21 -7.66 -3.11
CA ALA B 29 19.85 -8.11 -2.84
C ALA B 29 19.12 -8.36 -4.15
N TYR B 30 19.35 -7.47 -5.11
CA TYR B 30 18.74 -7.56 -6.44
C TYR B 30 19.22 -8.80 -7.20
N THR B 31 20.53 -8.96 -7.30
CA THR B 31 21.11 -10.07 -8.03
C THR B 31 20.89 -11.44 -7.39
N THR B 32 20.82 -11.48 -6.07
CA THR B 32 20.59 -12.76 -5.39
C THR B 32 19.27 -13.34 -5.89
N ILE B 33 18.24 -12.50 -5.91
CA ILE B 33 16.92 -12.92 -6.38
C ILE B 33 16.93 -13.26 -7.86
N ALA B 34 17.41 -12.32 -8.68
CA ALA B 34 17.44 -12.50 -10.13
C ALA B 34 18.20 -13.72 -10.61
N SER B 35 19.39 -13.93 -10.07
CA SER B 35 20.21 -15.06 -10.50
C SER B 35 19.57 -16.39 -10.10
N ARG B 36 18.94 -16.42 -8.93
CA ARG B 36 18.30 -17.62 -8.40
C ARG B 36 17.00 -18.04 -9.08
N GLU B 37 16.13 -17.08 -9.34
CA GLU B 37 14.80 -17.33 -9.88
C GLU B 37 14.56 -17.40 -11.38
N PHE B 38 15.43 -16.81 -12.18
CA PHE B 38 15.18 -16.77 -13.62
C PHE B 38 16.24 -17.42 -14.50
N ASN B 39 15.80 -18.02 -15.60
CA ASN B 39 16.72 -18.64 -16.54
C ASN B 39 16.64 -17.97 -17.92
N MET B 40 16.02 -16.78 -17.95
CA MET B 40 15.90 -15.99 -19.17
C MET B 40 16.01 -14.52 -18.77
N VAL B 41 16.76 -13.75 -19.57
CA VAL B 41 16.98 -12.34 -19.29
C VAL B 41 16.70 -11.42 -20.47
N THR B 42 16.06 -10.29 -20.18
CA THR B 42 15.78 -9.27 -21.19
C THR B 42 16.38 -7.99 -20.61
N ALA B 43 17.14 -7.25 -21.41
CA ALA B 43 17.70 -5.98 -20.94
C ALA B 43 16.51 -5.03 -20.90
N GLU B 44 16.29 -4.41 -19.75
CA GLU B 44 15.16 -3.48 -19.63
C GLU B 44 15.29 -2.27 -20.54
N ASN B 45 16.51 -1.79 -20.77
CA ASN B 45 16.72 -0.61 -21.63
C ASN B 45 18.01 -0.60 -22.44
N GLU B 46 18.98 -1.41 -22.02
CA GLU B 46 20.30 -1.47 -22.63
C GLU B 46 20.46 -1.94 -24.08
N MET B 47 19.43 -2.59 -24.64
CA MET B 47 19.55 -3.03 -26.03
C MET B 47 18.56 -2.32 -26.92
N LYS B 48 17.97 -1.24 -26.42
CA LYS B 48 17.03 -0.45 -27.19
C LYS B 48 17.83 0.37 -28.20
N ILE B 49 17.14 1.05 -29.11
CA ILE B 49 17.80 1.81 -30.16
C ILE B 49 18.73 2.92 -29.70
N ASP B 50 18.27 3.75 -28.77
CA ASP B 50 19.10 4.84 -28.32
C ASP B 50 20.34 4.37 -27.58
N ALA B 51 20.22 3.24 -26.87
CA ALA B 51 21.34 2.71 -26.11
C ALA B 51 22.39 2.01 -26.99
N THR B 52 21.95 1.43 -28.10
CA THR B 52 22.87 0.69 -28.97
C THR B 52 23.43 1.46 -30.17
N GLU B 53 22.79 2.57 -30.53
CA GLU B 53 23.30 3.39 -31.63
C GLU B 53 23.03 4.86 -31.28
N PRO B 54 23.79 5.40 -30.30
CA PRO B 54 23.70 6.78 -29.80
C PRO B 54 23.85 7.84 -30.88
N GLN B 55 24.71 7.54 -31.86
CA GLN B 55 24.95 8.44 -32.99
C GLN B 55 24.80 7.54 -34.22
N ARG B 56 24.40 8.12 -35.34
CA ARG B 56 24.20 7.32 -36.54
C ARG B 56 25.46 6.57 -36.99
N GLY B 57 25.35 5.25 -37.06
CA GLY B 57 26.48 4.44 -37.49
C GLY B 57 27.48 4.08 -36.40
N GLN B 58 27.30 4.64 -35.21
CA GLN B 58 28.20 4.34 -34.10
C GLN B 58 27.47 3.45 -33.13
N PHE B 59 27.74 2.15 -33.19
CA PHE B 59 27.09 1.20 -32.31
C PHE B 59 27.82 1.08 -30.99
N ASN B 60 27.05 1.05 -29.91
CA ASN B 60 27.61 0.99 -28.56
C ASN B 60 26.95 -0.17 -27.81
N PHE B 61 27.74 -1.17 -27.44
CA PHE B 61 27.20 -2.34 -26.77
C PHE B 61 27.64 -2.50 -25.31
N SER B 62 28.29 -1.47 -24.76
CA SER B 62 28.76 -1.55 -23.38
C SER B 62 27.64 -1.88 -22.39
N ALA B 63 26.56 -1.12 -22.43
CA ALA B 63 25.42 -1.34 -21.53
C ALA B 63 24.74 -2.68 -21.80
N GLY B 64 24.46 -2.96 -23.07
CA GLY B 64 23.82 -4.23 -23.41
C GLY B 64 24.67 -5.41 -22.98
N ASP B 65 25.98 -5.32 -23.18
CA ASP B 65 26.87 -6.41 -22.80
C ASP B 65 26.98 -6.61 -21.30
N ARG B 66 26.78 -5.56 -20.52
CA ARG B 66 26.81 -5.70 -19.07
C ARG B 66 25.68 -6.65 -18.67
N VAL B 67 24.54 -6.49 -19.33
CA VAL B 67 23.38 -7.34 -19.07
C VAL B 67 23.61 -8.74 -19.65
N TYR B 68 24.04 -8.79 -20.90
CA TYR B 68 24.29 -10.06 -21.58
C TYR B 68 25.29 -10.90 -20.80
N ASN B 69 26.42 -10.30 -20.44
CA ASN B 69 27.47 -11.02 -19.70
C ASN B 69 26.95 -11.61 -18.40
N TRP B 70 26.15 -10.83 -17.68
CA TRP B 70 25.60 -11.28 -16.41
C TRP B 70 24.69 -12.48 -16.63
N ALA B 71 23.86 -12.39 -17.67
CA ALA B 71 22.92 -13.46 -17.99
C ALA B 71 23.65 -14.77 -18.29
N VAL B 72 24.58 -14.73 -19.25
CA VAL B 72 25.31 -15.94 -19.61
C VAL B 72 26.15 -16.48 -18.47
N GLN B 73 26.76 -15.58 -17.70
CA GLN B 73 27.59 -15.97 -16.57
C GLN B 73 26.75 -16.78 -15.58
N ASN B 74 25.46 -16.45 -15.50
CA ASN B 74 24.57 -17.12 -14.57
C ASN B 74 23.59 -18.13 -15.19
N GLY B 75 23.95 -18.65 -16.36
CA GLY B 75 23.14 -19.66 -17.02
C GLY B 75 21.80 -19.25 -17.59
N LYS B 76 21.64 -17.99 -17.96
CA LYS B 76 20.38 -17.54 -18.52
C LYS B 76 20.50 -17.26 -20.01
N GLN B 77 19.41 -17.51 -20.74
CA GLN B 77 19.37 -17.21 -22.15
C GLN B 77 19.01 -15.74 -22.18
N VAL B 78 18.97 -15.15 -23.36
CA VAL B 78 18.68 -13.73 -23.48
C VAL B 78 17.70 -13.39 -24.59
N ARG B 79 16.74 -12.51 -24.29
CA ARG B 79 15.80 -12.03 -25.30
C ARG B 79 16.30 -10.64 -25.69
N GLY B 80 16.52 -10.43 -26.99
CA GLY B 80 16.99 -9.12 -27.44
C GLY B 80 15.80 -8.18 -27.55
N HIS B 81 15.91 -7.00 -26.95
CA HIS B 81 14.82 -6.02 -26.94
C HIS B 81 15.38 -4.59 -27.04
N THR B 82 15.09 -3.82 -28.09
CA THR B 82 14.26 -4.20 -29.25
C THR B 82 14.87 -3.45 -30.46
N LEU B 83 14.71 -3.99 -31.66
CA LEU B 83 15.34 -3.42 -32.84
C LEU B 83 14.67 -2.29 -33.64
N ALA B 84 13.35 -2.35 -33.79
CA ALA B 84 12.62 -1.33 -34.53
C ALA B 84 11.46 -0.89 -33.66
N TRP B 85 11.40 0.40 -33.36
CA TRP B 85 10.38 0.91 -32.46
C TRP B 85 10.25 2.42 -32.60
N HIS B 86 9.04 2.93 -32.44
CA HIS B 86 8.80 4.37 -32.54
C HIS B 86 9.26 5.10 -31.29
N SER B 87 9.36 4.37 -30.19
CA SER B 87 9.73 4.98 -28.91
C SER B 87 11.21 4.82 -28.53
N GLN B 88 11.67 5.72 -27.68
CA GLN B 88 13.06 5.73 -27.21
C GLN B 88 14.09 5.69 -28.33
N GLN B 89 13.82 6.43 -29.40
CA GLN B 89 14.75 6.50 -30.51
C GLN B 89 15.74 7.61 -30.19
N PRO B 90 17.01 7.44 -30.57
CA PRO B 90 17.98 8.49 -30.28
C PRO B 90 17.59 9.75 -31.06
N GLY B 91 18.03 10.90 -30.59
CA GLY B 91 17.73 12.16 -31.23
C GLY B 91 17.95 12.21 -32.73
N TRP B 92 19.08 11.67 -33.18
CA TRP B 92 19.38 11.70 -34.61
C TRP B 92 18.36 10.91 -35.43
N MET B 93 17.78 9.87 -34.83
CA MET B 93 16.79 9.05 -35.54
C MET B 93 15.41 9.68 -35.53
N GLN B 94 15.06 10.37 -34.46
CA GLN B 94 13.77 11.02 -34.37
C GLN B 94 13.64 12.10 -35.45
N SER B 95 14.78 12.64 -35.87
CA SER B 95 14.81 13.68 -36.90
C SER B 95 14.73 13.10 -38.32
N LEU B 96 14.70 11.78 -38.44
CA LEU B 96 14.65 11.12 -39.74
C LEU B 96 13.24 10.76 -40.18
N SER B 97 13.07 10.66 -41.50
CA SER B 97 11.80 10.29 -42.10
C SER B 97 12.06 9.75 -43.49
N GLY B 98 11.04 9.16 -44.10
CA GLY B 98 11.17 8.63 -45.45
C GLY B 98 12.26 7.60 -45.65
N SER B 99 12.83 7.56 -46.86
CA SER B 99 13.87 6.60 -47.19
C SER B 99 15.08 6.67 -46.26
N THR B 100 15.42 7.87 -45.80
CA THR B 100 16.56 8.02 -44.90
C THR B 100 16.32 7.24 -43.61
N LEU B 101 15.10 7.33 -43.07
CA LEU B 101 14.75 6.63 -41.84
C LEU B 101 14.73 5.13 -42.13
N ARG B 102 14.19 4.76 -43.29
CA ARG B 102 14.08 3.35 -43.67
C ARG B 102 15.44 2.67 -43.68
N GLN B 103 16.45 3.32 -44.27
CA GLN B 103 17.77 2.74 -44.33
C GLN B 103 18.43 2.73 -42.95
N ALA B 104 18.14 3.74 -42.14
CA ALA B 104 18.68 3.81 -40.80
C ALA B 104 18.13 2.63 -39.99
N MET B 105 16.85 2.34 -40.19
CA MET B 105 16.21 1.22 -39.49
C MET B 105 16.91 -0.08 -39.88
N ILE B 106 17.16 -0.24 -41.17
CA ILE B 106 17.83 -1.43 -41.68
C ILE B 106 19.27 -1.53 -41.14
N ASP B 107 20.01 -0.43 -41.19
CA ASP B 107 21.38 -0.42 -40.70
C ASP B 107 21.45 -0.74 -39.21
N HIS B 108 20.48 -0.22 -38.46
CA HIS B 108 20.46 -0.46 -37.01
C HIS B 108 20.30 -1.94 -36.73
N ILE B 109 19.34 -2.56 -37.42
CA ILE B 109 19.07 -3.98 -37.25
C ILE B 109 20.34 -4.78 -37.56
N ASN B 110 21.00 -4.47 -38.66
CA ASN B 110 22.22 -5.18 -39.04
C ASN B 110 23.34 -5.02 -38.01
N GLY B 111 23.53 -3.80 -37.53
CA GLY B 111 24.58 -3.54 -36.56
C GLY B 111 24.39 -4.26 -35.24
N VAL B 112 23.19 -4.19 -34.69
CA VAL B 112 22.92 -4.84 -33.40
C VAL B 112 22.88 -6.36 -33.49
N MET B 113 22.18 -6.90 -34.47
CA MET B 113 22.10 -8.36 -34.60
C MET B 113 23.46 -8.94 -34.97
N GLY B 114 24.23 -8.19 -35.76
CA GLY B 114 25.55 -8.64 -36.16
C GLY B 114 26.43 -8.83 -34.93
N HIS B 115 26.39 -7.88 -34.01
CA HIS B 115 27.18 -7.95 -32.79
C HIS B 115 26.79 -9.15 -31.93
N TYR B 116 25.48 -9.38 -31.81
CA TYR B 116 24.98 -10.50 -31.00
C TYR B 116 24.66 -11.76 -31.78
N LYS B 117 25.06 -11.82 -33.04
CA LYS B 117 24.77 -12.98 -33.88
C LYS B 117 25.10 -14.32 -33.21
N GLY B 118 24.11 -15.20 -33.16
CA GLY B 118 24.29 -16.51 -32.56
C GLY B 118 24.28 -16.53 -31.05
N LYS B 119 24.05 -15.37 -30.42
CA LYS B 119 24.03 -15.29 -28.96
C LYS B 119 22.66 -14.98 -28.36
N ILE B 120 21.69 -14.67 -29.20
CA ILE B 120 20.34 -14.33 -28.73
C ILE B 120 19.25 -15.35 -29.06
N ALA B 121 18.45 -15.70 -28.06
CA ALA B 121 17.37 -16.67 -28.24
C ALA B 121 16.24 -16.11 -29.10
N GLN B 122 15.74 -14.96 -28.70
CA GLN B 122 14.65 -14.30 -29.43
C GLN B 122 14.99 -12.82 -29.58
N TRP B 123 14.49 -12.20 -30.64
CA TRP B 123 14.68 -10.77 -30.84
C TRP B 123 13.33 -10.12 -31.05
N ASP B 124 13.03 -9.09 -30.26
CA ASP B 124 11.80 -8.35 -30.49
C ASP B 124 12.26 -7.44 -31.64
N VAL B 125 12.08 -7.93 -32.86
CA VAL B 125 12.49 -7.17 -34.05
C VAL B 125 11.70 -5.88 -34.20
N VAL B 126 10.38 -5.97 -34.09
CA VAL B 126 9.53 -4.79 -34.19
C VAL B 126 8.68 -4.74 -32.92
N ASN B 127 8.56 -3.55 -32.34
CA ASN B 127 7.82 -3.35 -31.11
C ASN B 127 6.74 -2.27 -31.24
N GLU B 128 5.55 -2.56 -30.73
CA GLU B 128 4.43 -1.63 -30.70
C GLU B 128 4.12 -0.86 -31.99
N ALA B 129 3.89 -1.58 -33.08
CA ALA B 129 3.58 -0.96 -34.36
C ALA B 129 2.09 -0.66 -34.56
N PHE B 130 1.25 -1.18 -33.67
CA PHE B 130 -0.19 -0.93 -33.80
C PHE B 130 -0.73 0.13 -32.84
N SER B 131 -1.80 0.77 -33.27
CA SER B 131 -2.43 1.85 -32.52
C SER B 131 -3.38 1.39 -31.40
N ASP B 132 -3.62 2.31 -30.46
CA ASP B 132 -4.55 2.05 -29.36
C ASP B 132 -5.83 2.85 -29.63
N ASP B 133 -5.98 3.38 -30.84
CA ASP B 133 -7.15 4.19 -31.14
C ASP B 133 -8.45 3.41 -31.41
N GLY B 134 -8.38 2.09 -31.34
CA GLY B 134 -9.56 1.27 -31.57
C GLY B 134 -9.85 0.89 -33.01
N SER B 135 -9.02 1.35 -33.93
CA SER B 135 -9.20 1.06 -35.35
C SER B 135 -8.58 -0.27 -35.77
N GLY B 136 -7.68 -0.79 -34.94
CA GLY B 136 -7.02 -2.03 -35.28
C GLY B 136 -5.97 -1.80 -36.36
N GLY B 137 -5.61 -0.53 -36.55
CA GLY B 137 -4.62 -0.17 -37.57
C GLY B 137 -3.24 0.16 -37.01
N ARG B 138 -2.35 0.58 -37.90
CA ARG B 138 -0.97 0.92 -37.54
C ARG B 138 -0.85 2.23 -36.77
N ARG B 139 0.13 2.28 -35.88
CA ARG B 139 0.42 3.49 -35.11
C ARG B 139 1.06 4.46 -36.10
N ASP B 140 0.63 5.72 -36.07
CA ASP B 140 1.18 6.73 -36.97
C ASP B 140 2.51 7.27 -36.44
N SER B 141 3.62 6.69 -36.88
CA SER B 141 4.94 7.12 -36.45
C SER B 141 5.84 7.41 -37.65
N ASN B 142 7.03 7.94 -37.40
CA ASN B 142 7.94 8.21 -38.51
C ASN B 142 8.20 6.92 -39.27
N LEU B 143 8.29 5.80 -38.54
CA LEU B 143 8.53 4.50 -39.19
C LEU B 143 7.37 4.11 -40.11
N GLN B 144 6.15 4.21 -39.61
CA GLN B 144 4.98 3.86 -40.41
C GLN B 144 4.88 4.77 -41.65
N ARG B 145 5.30 6.02 -41.50
CA ARG B 145 5.26 6.98 -42.60
C ARG B 145 6.27 6.66 -43.70
N THR B 146 7.24 5.79 -43.42
CA THR B 146 8.22 5.43 -44.45
C THR B 146 7.56 4.44 -45.41
N GLY B 147 6.44 3.86 -44.98
CA GLY B 147 5.74 2.89 -45.82
C GLY B 147 5.19 1.74 -44.97
N ASN B 148 4.03 1.23 -45.34
CA ASN B 148 3.41 0.15 -44.58
C ASN B 148 4.28 -1.10 -44.53
N ASP B 149 5.20 -1.23 -45.48
CA ASP B 149 6.07 -2.38 -45.56
C ASP B 149 7.26 -2.34 -44.61
N TRP B 150 7.37 -1.29 -43.80
CA TRP B 150 8.52 -1.20 -42.90
C TRP B 150 8.69 -2.41 -41.98
N ILE B 151 7.59 -2.93 -41.46
CA ILE B 151 7.65 -4.09 -40.56
C ILE B 151 8.21 -5.32 -41.28
N GLU B 152 7.62 -5.63 -42.43
CA GLU B 152 8.04 -6.76 -43.24
C GLU B 152 9.54 -6.66 -43.56
N VAL B 153 9.96 -5.44 -43.92
CA VAL B 153 11.36 -5.20 -44.23
C VAL B 153 12.24 -5.47 -43.02
N ALA B 154 11.77 -5.03 -41.86
CA ALA B 154 12.52 -5.24 -40.63
C ALA B 154 12.78 -6.72 -40.39
N PHE B 155 11.74 -7.54 -40.54
CA PHE B 155 11.88 -8.97 -40.33
C PHE B 155 12.77 -9.63 -41.38
N ARG B 156 12.62 -9.25 -42.64
CA ARG B 156 13.45 -9.84 -43.68
C ARG B 156 14.91 -9.47 -43.40
N THR B 157 15.12 -8.23 -42.96
CA THR B 157 16.47 -7.77 -42.64
C THR B 157 17.04 -8.59 -41.49
N ALA B 158 16.22 -8.78 -40.46
CA ALA B 158 16.62 -9.54 -39.28
C ALA B 158 16.96 -10.99 -39.60
N ARG B 159 16.14 -11.64 -40.44
CA ARG B 159 16.40 -13.03 -40.78
C ARG B 159 17.79 -13.20 -41.38
N ALA B 160 18.15 -12.28 -42.27
CA ALA B 160 19.45 -12.33 -42.93
C ALA B 160 20.59 -12.03 -41.95
N ALA B 161 20.37 -11.09 -41.04
CA ALA B 161 21.39 -10.71 -40.07
C ALA B 161 21.77 -11.84 -39.12
N ASP B 162 20.80 -12.63 -38.69
CA ASP B 162 21.05 -13.75 -37.78
C ASP B 162 19.95 -14.79 -37.96
N PRO B 163 20.12 -15.70 -38.92
CA PRO B 163 19.11 -16.74 -39.15
C PRO B 163 18.88 -17.70 -37.99
N ALA B 164 19.72 -17.63 -36.97
CA ALA B 164 19.61 -18.51 -35.81
C ALA B 164 18.63 -18.02 -34.73
N ALA B 165 18.31 -16.73 -34.75
CA ALA B 165 17.42 -16.19 -33.73
C ALA B 165 15.93 -16.27 -34.10
N LYS B 166 15.09 -16.44 -33.09
CA LYS B 166 13.65 -16.46 -33.31
C LYS B 166 13.29 -14.98 -33.45
N LEU B 167 12.54 -14.63 -34.49
CA LEU B 167 12.17 -13.25 -34.71
C LEU B 167 10.75 -12.98 -34.20
N CYS B 168 10.62 -12.10 -33.21
CA CYS B 168 9.30 -11.80 -32.65
C CYS B 168 8.79 -10.40 -32.96
N TYR B 169 7.46 -10.29 -32.98
CA TYR B 169 6.78 -9.02 -33.12
C TYR B 169 6.25 -8.87 -31.69
N ASN B 170 6.55 -7.76 -31.05
CA ASN B 170 6.14 -7.53 -29.66
C ASN B 170 5.19 -6.35 -29.52
N ASP B 171 4.15 -6.48 -28.70
CA ASP B 171 3.21 -5.39 -28.49
C ASP B 171 2.42 -5.56 -27.19
N TYR B 172 1.73 -4.49 -26.77
CA TYR B 172 0.92 -4.51 -25.57
C TYR B 172 -0.54 -4.31 -25.95
N ASN B 173 -1.44 -4.61 -25.02
CA ASN B 173 -2.88 -4.49 -25.27
C ASN B 173 -3.33 -5.36 -26.44
N ILE B 174 -2.66 -6.49 -26.63
CA ILE B 174 -3.02 -7.44 -27.68
C ILE B 174 -3.33 -8.79 -27.03
N GLU B 175 -3.64 -8.76 -25.74
CA GLU B 175 -3.95 -9.98 -25.00
C GLU B 175 -5.44 -10.34 -25.03
N ASN B 176 -6.31 -9.34 -24.94
CA ASN B 176 -7.75 -9.59 -24.97
C ASN B 176 -8.16 -9.82 -26.42
N TRP B 177 -8.66 -11.01 -26.73
CA TRP B 177 -9.04 -11.32 -28.11
C TRP B 177 -10.02 -10.36 -28.78
N THR B 178 -10.98 -9.83 -28.02
CA THR B 178 -11.98 -8.95 -28.60
C THR B 178 -11.50 -7.56 -29.00
N TRP B 179 -10.30 -7.18 -28.57
CA TRP B 179 -9.78 -5.85 -28.89
C TRP B 179 -9.35 -5.75 -30.34
N ALA B 180 -9.64 -4.61 -30.96
CA ALA B 180 -9.30 -4.38 -32.37
C ALA B 180 -7.79 -4.48 -32.60
N LYS B 181 -7.00 -4.01 -31.64
CA LYS B 181 -5.54 -4.05 -31.74
C LYS B 181 -5.09 -5.50 -31.87
N THR B 182 -5.59 -6.35 -30.99
CA THR B 182 -5.25 -7.77 -30.99
C THR B 182 -5.51 -8.40 -32.36
N GLN B 183 -6.68 -8.13 -32.91
CA GLN B 183 -7.04 -8.70 -34.20
C GLN B 183 -6.28 -8.11 -35.36
N GLY B 184 -5.90 -6.83 -35.26
CA GLY B 184 -5.13 -6.22 -36.32
C GLY B 184 -3.75 -6.88 -36.36
N VAL B 185 -3.18 -7.14 -35.20
CA VAL B 185 -1.88 -7.79 -35.15
C VAL B 185 -2.00 -9.21 -35.69
N TYR B 186 -3.09 -9.89 -35.34
CA TYR B 186 -3.32 -11.24 -35.82
C TYR B 186 -3.32 -11.28 -37.35
N ASN B 187 -4.07 -10.37 -37.96
CA ASN B 187 -4.14 -10.31 -39.42
C ASN B 187 -2.77 -10.07 -40.06
N MET B 188 -1.95 -9.25 -39.43
CA MET B 188 -0.63 -8.98 -39.98
C MET B 188 0.24 -10.22 -39.96
N VAL B 189 0.27 -10.92 -38.83
CA VAL B 189 1.07 -12.13 -38.71
C VAL B 189 0.56 -13.17 -39.68
N ARG B 190 -0.76 -13.26 -39.81
CA ARG B 190 -1.35 -14.21 -40.74
C ARG B 190 -0.87 -13.91 -42.16
N ASP B 191 -0.94 -12.63 -42.53
CA ASP B 191 -0.51 -12.17 -43.84
C ASP B 191 0.97 -12.51 -44.06
N PHE B 192 1.79 -12.24 -43.04
CA PHE B 192 3.22 -12.52 -43.12
C PHE B 192 3.49 -14.00 -43.41
N LYS B 193 2.85 -14.89 -42.65
CA LYS B 193 3.05 -16.32 -42.84
C LYS B 193 2.56 -16.79 -44.21
N GLN B 194 1.45 -16.23 -44.67
CA GLN B 194 0.90 -16.60 -45.97
C GLN B 194 1.81 -16.15 -47.11
N ARG B 195 2.45 -15.00 -46.95
CA ARG B 195 3.32 -14.48 -48.02
C ARG B 195 4.79 -14.87 -47.87
N GLY B 196 5.14 -15.56 -46.79
CA GLY B 196 6.51 -15.96 -46.60
C GLY B 196 7.40 -14.97 -45.87
N VAL B 197 6.80 -13.97 -45.23
CA VAL B 197 7.59 -12.99 -44.48
C VAL B 197 8.11 -13.70 -43.23
N PRO B 198 9.42 -13.63 -42.98
CA PRO B 198 10.08 -14.26 -41.83
C PRO B 198 9.65 -13.76 -40.46
N ILE B 199 8.84 -14.56 -39.76
CA ILE B 199 8.41 -14.23 -38.40
C ILE B 199 8.20 -15.55 -37.68
N ASP B 200 8.86 -15.72 -36.54
CA ASP B 200 8.78 -16.96 -35.78
C ASP B 200 8.01 -16.86 -34.49
N CYS B 201 7.74 -15.64 -34.04
CA CYS B 201 7.09 -15.47 -32.77
C CYS B 201 6.36 -14.16 -32.54
N VAL B 202 5.41 -14.19 -31.62
CA VAL B 202 4.66 -13.00 -31.25
C VAL B 202 4.80 -12.86 -29.75
N GLY B 203 5.25 -11.68 -29.32
CA GLY B 203 5.41 -11.43 -27.90
C GLY B 203 4.27 -10.61 -27.38
N PHE B 204 3.62 -11.10 -26.33
CA PHE B 204 2.52 -10.39 -25.70
C PHE B 204 3.09 -9.77 -24.42
N GLN B 205 3.25 -8.45 -24.42
CA GLN B 205 3.83 -7.77 -23.27
C GLN B 205 3.12 -8.12 -21.98
N SER B 206 1.80 -8.22 -22.05
CA SER B 206 1.00 -8.59 -20.89
C SER B 206 1.09 -7.66 -19.68
N HIS B 207 0.97 -6.36 -19.92
CA HIS B 207 0.97 -5.37 -18.85
C HIS B 207 -0.51 -5.27 -18.50
N PHE B 208 -0.91 -5.94 -17.41
CA PHE B 208 -2.31 -5.94 -17.00
C PHE B 208 -2.59 -4.96 -15.84
N ASN B 209 -3.70 -4.24 -15.94
CA ASN B 209 -4.10 -3.28 -14.90
C ASN B 209 -5.60 -3.01 -15.07
N SER B 210 -6.18 -2.19 -14.19
CA SER B 210 -7.63 -1.94 -14.30
C SER B 210 -8.04 -1.31 -15.63
N GLY B 211 -7.11 -0.62 -16.29
CA GLY B 211 -7.40 -0.02 -17.58
C GLY B 211 -7.39 -1.04 -18.71
N SER B 212 -6.56 -2.06 -18.56
CA SER B 212 -6.42 -3.14 -19.53
C SER B 212 -6.31 -4.43 -18.71
N PRO B 213 -7.43 -4.90 -18.17
CA PRO B 213 -7.46 -6.11 -17.35
C PRO B 213 -7.26 -7.43 -18.09
N TYR B 214 -6.68 -8.39 -17.37
CA TYR B 214 -6.47 -9.72 -17.92
C TYR B 214 -7.86 -10.28 -18.15
N ASN B 215 -8.01 -11.04 -19.22
CA ASN B 215 -9.28 -11.66 -19.52
C ASN B 215 -8.97 -13.10 -19.88
N SER B 216 -9.80 -14.03 -19.40
CA SER B 216 -9.58 -15.45 -19.67
C SER B 216 -9.47 -15.80 -21.14
N ASN B 217 -9.99 -14.94 -22.03
CA ASN B 217 -9.90 -15.25 -23.45
C ASN B 217 -8.47 -15.10 -23.98
N PHE B 218 -7.56 -14.71 -23.10
CA PHE B 218 -6.15 -14.57 -23.47
C PHE B 218 -5.66 -15.92 -23.97
N ARG B 219 -6.21 -17.00 -23.40
CA ARG B 219 -5.80 -18.33 -23.82
C ARG B 219 -6.16 -18.55 -25.29
N THR B 220 -7.33 -18.08 -25.72
CA THR B 220 -7.74 -18.25 -27.11
C THR B 220 -6.87 -17.37 -28.00
N THR B 221 -6.46 -16.21 -27.49
CA THR B 221 -5.61 -15.31 -28.25
C THR B 221 -4.31 -16.03 -28.54
N LEU B 222 -3.72 -16.64 -27.51
CA LEU B 222 -2.47 -17.36 -27.67
C LEU B 222 -2.65 -18.53 -28.63
N GLN B 223 -3.75 -19.26 -28.48
CA GLN B 223 -4.01 -20.40 -29.35
C GLN B 223 -4.18 -19.93 -30.80
N ASN B 224 -4.89 -18.83 -30.98
CA ASN B 224 -5.10 -18.32 -32.34
C ASN B 224 -3.78 -18.01 -33.02
N PHE B 225 -2.89 -17.30 -32.34
CA PHE B 225 -1.61 -16.99 -32.95
C PHE B 225 -0.77 -18.24 -33.16
N ALA B 226 -0.75 -19.13 -32.18
CA ALA B 226 0.02 -20.37 -32.30
C ALA B 226 -0.40 -21.19 -33.53
N ALA B 227 -1.68 -21.11 -33.86
CA ALA B 227 -2.25 -21.84 -35.00
C ALA B 227 -1.76 -21.28 -36.33
N LEU B 228 -1.21 -20.06 -36.30
CA LEU B 228 -0.70 -19.45 -37.52
C LEU B 228 0.70 -19.99 -37.83
N GLY B 229 1.24 -20.79 -36.91
CA GLY B 229 2.55 -21.35 -37.12
C GLY B 229 3.68 -20.56 -36.50
N VAL B 230 3.38 -19.81 -35.45
CA VAL B 230 4.41 -19.03 -34.75
C VAL B 230 4.39 -19.41 -33.28
N ASP B 231 5.52 -19.22 -32.61
CA ASP B 231 5.55 -19.48 -31.17
C ASP B 231 5.01 -18.22 -30.54
N VAL B 232 4.62 -18.31 -29.28
CA VAL B 232 4.13 -17.12 -28.59
C VAL B 232 4.89 -17.01 -27.28
N ALA B 233 5.05 -15.78 -26.80
CA ALA B 233 5.75 -15.59 -25.55
C ALA B 233 5.14 -14.42 -24.78
N ILE B 234 5.17 -14.54 -23.46
CA ILE B 234 4.67 -13.49 -22.57
C ILE B 234 5.97 -12.77 -22.24
N THR B 235 6.12 -11.58 -22.79
CA THR B 235 7.37 -10.82 -22.67
C THR B 235 7.60 -9.77 -21.59
N GLU B 236 6.55 -9.12 -21.11
CA GLU B 236 6.75 -8.07 -20.10
C GLU B 236 5.68 -8.11 -19.04
N LEU B 237 5.41 -9.31 -18.54
CA LEU B 237 4.36 -9.48 -17.55
C LEU B 237 4.49 -8.73 -16.24
N ASP B 238 3.40 -8.05 -15.90
CA ASP B 238 3.22 -7.37 -14.64
C ASP B 238 1.73 -7.13 -14.48
N ILE B 239 1.24 -7.33 -13.27
CA ILE B 239 -0.17 -7.20 -12.98
C ILE B 239 -0.41 -6.22 -11.84
N GLN B 240 -1.11 -5.14 -12.14
CA GLN B 240 -1.42 -4.13 -11.14
C GLN B 240 -2.07 -4.84 -9.94
N GLY B 241 -1.45 -4.74 -8.77
CA GLY B 241 -2.01 -5.38 -7.59
C GLY B 241 -1.46 -6.77 -7.35
N ALA B 242 -0.79 -7.33 -8.35
CA ALA B 242 -0.20 -8.66 -8.26
C ALA B 242 -1.12 -9.76 -7.73
N SER B 243 -2.37 -9.76 -8.18
CA SER B 243 -3.31 -10.78 -7.75
C SER B 243 -2.72 -12.17 -7.94
N SER B 244 -2.79 -13.02 -6.91
CA SER B 244 -2.27 -14.37 -7.00
C SER B 244 -3.03 -15.18 -8.04
N SER B 245 -4.36 -14.99 -8.09
CA SER B 245 -5.21 -15.69 -9.04
C SER B 245 -4.91 -15.30 -10.48
N THR B 246 -4.72 -14.01 -10.72
CA THR B 246 -4.43 -13.54 -12.07
C THR B 246 -3.04 -14.00 -12.52
N TYR B 247 -2.08 -14.01 -11.62
CA TYR B 247 -0.73 -14.45 -11.97
C TYR B 247 -0.77 -15.92 -12.32
N ALA B 248 -1.53 -16.69 -11.55
CA ALA B 248 -1.64 -18.12 -11.80
C ALA B 248 -2.41 -18.36 -13.09
N ALA B 249 -3.42 -17.54 -13.35
CA ALA B 249 -4.23 -17.67 -14.56
C ALA B 249 -3.40 -17.48 -15.83
N VAL B 250 -2.56 -16.44 -15.83
CA VAL B 250 -1.69 -16.13 -16.95
C VAL B 250 -0.68 -17.27 -17.14
N THR B 251 -0.15 -17.76 -16.03
CA THR B 251 0.82 -18.85 -16.09
C THR B 251 0.17 -20.10 -16.68
N ASN B 252 -1.03 -20.42 -16.23
CA ASN B 252 -1.71 -21.59 -16.75
C ASN B 252 -2.11 -21.44 -18.22
N ASP B 253 -2.29 -20.20 -18.68
CA ASP B 253 -2.63 -19.98 -20.08
C ASP B 253 -1.44 -20.36 -20.95
N CYS B 254 -0.24 -20.00 -20.50
CA CYS B 254 0.97 -20.31 -21.25
C CYS B 254 1.19 -21.82 -21.23
N LEU B 255 1.00 -22.44 -20.07
CA LEU B 255 1.17 -23.88 -19.92
C LEU B 255 0.15 -24.68 -20.74
N ALA B 256 -0.94 -24.03 -21.11
CA ALA B 256 -1.99 -24.67 -21.89
C ALA B 256 -1.71 -24.67 -23.40
N VAL B 257 -0.81 -23.79 -23.83
CA VAL B 257 -0.46 -23.67 -25.24
C VAL B 257 0.94 -24.21 -25.45
N SER B 258 1.04 -25.34 -26.16
CA SER B 258 2.33 -25.97 -26.40
C SER B 258 3.37 -25.04 -27.00
N ARG B 259 2.92 -24.08 -27.80
CA ARG B 259 3.82 -23.13 -28.44
C ARG B 259 4.20 -21.91 -27.59
N CYS B 260 3.68 -21.82 -26.37
CA CYS B 260 4.05 -20.70 -25.51
C CYS B 260 5.42 -21.06 -24.93
N LEU B 261 6.43 -20.33 -25.39
CA LEU B 261 7.82 -20.57 -24.99
C LEU B 261 8.18 -20.30 -23.52
N GLY B 262 7.52 -19.33 -22.92
CA GLY B 262 7.83 -19.02 -21.54
C GLY B 262 7.25 -17.69 -21.12
N ILE B 263 7.58 -17.28 -19.90
CA ILE B 263 7.08 -16.04 -19.35
C ILE B 263 8.19 -15.17 -18.77
N THR B 264 8.13 -13.88 -19.08
CA THR B 264 9.09 -12.92 -18.55
C THR B 264 8.28 -11.88 -17.80
N VAL B 265 8.61 -11.66 -16.52
CA VAL B 265 7.94 -10.63 -15.73
C VAL B 265 8.81 -9.40 -15.91
N TRP B 266 8.21 -8.22 -16.00
CA TRP B 266 8.97 -7.01 -16.25
C TRP B 266 9.63 -6.39 -15.02
N GLY B 267 10.61 -7.08 -14.46
CA GLY B 267 11.31 -6.59 -13.29
C GLY B 267 11.48 -7.64 -12.21
N VAL B 268 12.33 -7.35 -11.22
CA VAL B 268 12.58 -8.27 -10.12
C VAL B 268 11.70 -7.94 -8.92
N ARG B 269 11.93 -6.79 -8.29
CA ARG B 269 11.14 -6.37 -7.13
C ARG B 269 10.21 -5.23 -7.53
N ASP B 270 9.13 -5.03 -6.78
CA ASP B 270 8.19 -3.96 -7.10
C ASP B 270 8.89 -2.61 -7.21
N THR B 271 9.90 -2.41 -6.39
CA THR B 271 10.64 -1.16 -6.40
C THR B 271 11.48 -0.98 -7.65
N ASP B 272 11.70 -2.05 -8.40
CA ASP B 272 12.49 -1.97 -9.64
C ASP B 272 11.56 -1.78 -10.84
N SER B 273 10.26 -1.86 -10.59
CA SER B 273 9.27 -1.74 -11.65
C SER B 273 9.08 -0.33 -12.22
N TRP B 274 8.83 -0.28 -13.52
CA TRP B 274 8.57 0.98 -14.20
C TRP B 274 7.21 1.48 -13.72
N ARG B 275 6.48 0.60 -13.04
CA ARG B 275 5.18 0.93 -12.48
C ARG B 275 5.11 0.46 -11.04
N SER B 276 6.12 0.85 -10.26
CA SER B 276 6.23 0.49 -8.86
C SER B 276 4.96 0.80 -8.08
N GLY B 277 4.27 1.86 -8.47
CA GLY B 277 3.04 2.25 -7.81
C GLY B 277 1.96 1.19 -7.86
N ASP B 278 2.06 0.29 -8.83
CA ASP B 278 1.09 -0.79 -8.98
C ASP B 278 1.57 -2.08 -8.30
N THR B 279 2.72 -2.02 -7.61
CA THR B 279 3.31 -3.20 -6.94
C THR B 279 2.85 -4.40 -7.75
N PRO B 280 3.22 -4.44 -9.04
CA PRO B 280 2.83 -5.50 -9.95
C PRO B 280 3.75 -6.69 -10.17
N LEU B 281 4.82 -6.82 -9.38
CA LEU B 281 5.74 -7.93 -9.57
C LEU B 281 5.61 -9.05 -8.54
N LEU B 282 6.53 -10.02 -8.60
CA LEU B 282 6.49 -11.18 -7.70
C LEU B 282 7.27 -11.06 -6.40
N PHE B 283 8.11 -10.02 -6.29
CA PHE B 283 8.89 -9.79 -5.07
C PHE B 283 8.63 -8.35 -4.65
N ASN B 284 8.52 -8.12 -3.34
CA ASN B 284 8.26 -6.75 -2.89
C ASN B 284 9.56 -5.99 -2.67
N GLY B 285 9.44 -4.75 -2.21
CA GLY B 285 10.60 -3.90 -1.99
C GLY B 285 11.75 -4.47 -1.20
N ASP B 286 11.47 -5.18 -0.11
CA ASP B 286 12.55 -5.75 0.69
C ASP B 286 13.03 -7.09 0.15
N GLY B 287 12.68 -7.38 -1.10
CA GLY B 287 13.10 -8.62 -1.73
C GLY B 287 12.46 -9.91 -1.27
N SER B 288 11.31 -9.81 -0.62
CA SER B 288 10.64 -11.02 -0.14
C SER B 288 9.61 -11.51 -1.16
N LYS B 289 9.44 -12.83 -1.21
CA LYS B 289 8.47 -13.44 -2.11
C LYS B 289 7.08 -13.00 -1.71
N LYS B 290 6.25 -12.69 -2.71
CA LYS B 290 4.90 -12.27 -2.44
C LYS B 290 3.96 -13.47 -2.61
N ALA B 291 2.70 -13.31 -2.21
CA ALA B 291 1.73 -14.38 -2.34
C ALA B 291 1.66 -14.83 -3.80
N ALA B 292 1.76 -13.88 -4.72
CA ALA B 292 1.72 -14.18 -6.15
C ALA B 292 2.85 -15.11 -6.57
N TYR B 293 4.01 -14.95 -5.96
CA TYR B 293 5.15 -15.80 -6.31
C TYR B 293 4.80 -17.27 -6.09
N THR B 294 4.23 -17.55 -4.93
CA THR B 294 3.85 -18.91 -4.58
C THR B 294 2.82 -19.47 -5.56
N ALA B 295 1.90 -18.61 -6.00
CA ALA B 295 0.86 -19.02 -6.94
C ALA B 295 1.45 -19.37 -8.30
N VAL B 296 2.43 -18.59 -8.75
CA VAL B 296 3.06 -18.84 -10.03
C VAL B 296 3.87 -20.14 -9.95
N LEU B 297 4.68 -20.27 -8.89
CA LEU B 297 5.50 -21.47 -8.72
C LEU B 297 4.62 -22.71 -8.67
N ASN B 298 3.53 -22.62 -7.93
CA ASN B 298 2.60 -23.75 -7.81
C ASN B 298 2.07 -24.14 -9.19
N ALA B 299 1.68 -23.14 -9.97
CA ALA B 299 1.15 -23.39 -11.31
C ALA B 299 2.20 -24.05 -12.21
N LEU B 300 3.41 -23.51 -12.22
CA LEU B 300 4.48 -24.09 -13.04
C LEU B 300 4.73 -25.55 -12.64
N ASN B 301 4.64 -25.83 -11.35
CA ASN B 301 4.86 -27.19 -10.86
C ASN B 301 3.66 -28.10 -11.09
N GLY B 302 2.66 -27.62 -11.83
CA GLY B 302 1.50 -28.43 -12.13
C GLY B 302 0.27 -28.20 -11.28
N GLY B 303 0.41 -27.37 -10.25
CA GLY B 303 -0.71 -27.08 -9.37
C GLY B 303 -1.21 -28.31 -8.64
N SER B 304 -2.52 -28.36 -8.44
CA SER B 304 -3.15 -29.49 -7.76
C SER B 304 -4.46 -29.86 -8.43
N SER B 305 -4.88 -31.11 -8.25
CA SER B 305 -6.11 -31.59 -8.85
C SER B 305 -7.31 -31.06 -8.04
N THR B 306 -7.07 -30.80 -6.76
CA THR B 306 -8.11 -30.30 -5.87
C THR B 306 -7.98 -28.79 -5.69
N PRO B 307 -8.75 -28.00 -6.46
CA PRO B 307 -8.74 -26.53 -6.38
C PRO B 307 -8.90 -26.00 -4.96
N PRO B 308 -8.14 -24.95 -4.60
CA PRO B 308 -8.18 -24.32 -3.28
C PRO B 308 -9.57 -23.76 -2.94
N PRO B 309 -9.91 -23.73 -1.64
CA PRO B 309 -11.21 -23.21 -1.20
C PRO B 309 -11.42 -21.77 -1.63
N SER B 310 -12.68 -21.35 -1.68
CA SER B 310 -13.01 -19.99 -2.08
C SER B 310 -14.18 -19.43 -1.27
N GLY B 311 -14.03 -18.21 -0.78
CA GLY B 311 -15.08 -17.59 0.00
C GLY B 311 -15.06 -17.98 1.47
N GLY B 312 -13.89 -18.39 1.95
CA GLY B 312 -13.77 -18.79 3.34
C GLY B 312 -13.09 -20.13 3.50
N GLY B 313 -13.26 -20.73 4.68
CA GLY B 313 -12.65 -22.03 4.92
C GLY B 313 -11.83 -22.08 6.19
N GLN B 314 -11.63 -23.29 6.71
CA GLN B 314 -10.85 -23.47 7.94
C GLN B 314 -9.38 -23.73 7.64
N ILE B 315 -8.55 -23.58 8.66
CA ILE B 315 -7.12 -23.82 8.54
C ILE B 315 -6.75 -24.72 9.71
N LYS B 316 -6.72 -26.02 9.46
CA LYS B 316 -6.41 -27.00 10.50
C LYS B 316 -4.95 -27.44 10.50
N GLY B 317 -4.34 -27.44 11.69
CA GLY B 317 -2.97 -27.88 11.80
C GLY B 317 -2.92 -29.39 11.84
N VAL B 318 -2.16 -29.99 10.93
CA VAL B 318 -2.05 -31.44 10.86
C VAL B 318 -1.58 -32.08 12.16
N GLY B 319 -0.67 -31.41 12.86
CA GLY B 319 -0.15 -31.94 14.10
C GLY B 319 -1.15 -32.13 15.22
N SER B 320 -2.05 -31.18 15.39
CA SER B 320 -3.05 -31.25 16.44
C SER B 320 -4.45 -31.52 15.93
N GLY B 321 -4.63 -31.45 14.62
CA GLY B 321 -5.95 -31.68 14.06
C GLY B 321 -6.90 -30.57 14.48
N ARG B 322 -6.32 -29.50 15.05
CA ARG B 322 -7.10 -28.36 15.50
C ARG B 322 -7.05 -27.22 14.48
N CYS B 323 -8.09 -26.40 14.46
CA CYS B 323 -8.19 -25.29 13.53
C CYS B 323 -7.77 -23.93 14.09
N LEU B 324 -7.26 -23.08 13.21
CA LEU B 324 -6.83 -21.74 13.57
C LEU B 324 -8.08 -21.05 14.12
N ASP B 325 -8.00 -20.56 15.36
CA ASP B 325 -9.16 -19.96 15.99
C ASP B 325 -8.91 -18.62 16.69
N VAL B 326 -9.88 -17.71 16.57
CA VAL B 326 -9.81 -16.41 17.20
C VAL B 326 -10.59 -16.49 18.51
N PRO B 327 -9.87 -16.50 19.65
CA PRO B 327 -10.46 -16.59 20.99
C PRO B 327 -11.80 -15.88 21.19
N ASN B 328 -12.80 -16.65 21.62
CA ASN B 328 -14.14 -16.13 21.88
C ASN B 328 -14.73 -15.31 20.75
N ALA B 329 -14.37 -15.63 19.52
CA ALA B 329 -14.88 -14.91 18.36
C ALA B 329 -14.70 -13.41 18.57
N SER B 330 -13.64 -13.05 19.30
CA SER B 330 -13.34 -11.66 19.58
C SER B 330 -12.95 -10.92 18.31
N THR B 331 -13.20 -9.62 18.30
CA THR B 331 -12.87 -8.79 17.15
C THR B 331 -11.93 -7.67 17.60
N THR B 332 -11.29 -7.90 18.74
CA THR B 332 -10.37 -6.92 19.30
C THR B 332 -9.00 -7.05 18.64
N ASP B 333 -8.52 -5.94 18.08
CA ASP B 333 -7.21 -5.95 17.43
C ASP B 333 -6.16 -6.30 18.49
N GLY B 334 -5.19 -7.12 18.11
CA GLY B 334 -4.15 -7.49 19.04
C GLY B 334 -4.42 -8.85 19.66
N THR B 335 -5.61 -9.39 19.40
CA THR B 335 -5.98 -10.70 19.93
C THR B 335 -5.16 -11.80 19.28
N GLN B 336 -4.36 -12.51 20.06
CA GLN B 336 -3.54 -13.58 19.54
C GLN B 336 -4.42 -14.79 19.21
N VAL B 337 -4.19 -15.37 18.02
CA VAL B 337 -4.96 -16.52 17.55
C VAL B 337 -4.48 -17.81 18.21
N GLN B 338 -5.34 -18.84 18.18
CA GLN B 338 -5.02 -20.12 18.78
C GLN B 338 -5.52 -21.30 17.98
N LEU B 339 -5.24 -22.51 18.50
CA LEU B 339 -5.68 -23.74 17.88
C LEU B 339 -6.88 -24.19 18.72
N TYR B 340 -7.96 -24.58 18.06
CA TYR B 340 -9.15 -25.02 18.78
C TYR B 340 -9.95 -26.02 17.98
N ASP B 341 -10.75 -26.84 18.67
CA ASP B 341 -11.58 -27.84 18.02
C ASP B 341 -12.34 -27.20 16.86
N CYS B 342 -12.12 -27.71 15.67
CA CYS B 342 -12.76 -27.20 14.47
C CYS B 342 -14.28 -27.28 14.57
N HIS B 343 -14.95 -26.22 14.15
CA HIS B 343 -16.41 -26.16 14.16
C HIS B 343 -16.90 -25.01 13.30
N SER B 344 -18.12 -25.15 12.79
CA SER B 344 -18.72 -24.11 11.95
C SER B 344 -18.93 -22.82 12.72
N ALA B 345 -17.94 -21.93 12.64
CA ALA B 345 -18.00 -20.64 13.33
C ALA B 345 -17.12 -19.64 12.61
N THR B 346 -17.66 -18.44 12.38
CA THR B 346 -16.93 -17.39 11.69
C THR B 346 -15.53 -17.13 12.24
N ASN B 347 -15.34 -17.37 13.54
CA ASN B 347 -14.04 -17.13 14.16
C ASN B 347 -13.02 -18.21 13.78
N GLN B 348 -13.39 -19.04 12.80
CA GLN B 348 -12.52 -20.10 12.32
C GLN B 348 -12.57 -20.14 10.79
N GLN B 349 -13.27 -19.18 10.21
CA GLN B 349 -13.41 -19.09 8.77
C GLN B 349 -12.43 -18.06 8.20
N TRP B 350 -11.36 -18.56 7.59
CA TRP B 350 -10.34 -17.69 7.02
C TRP B 350 -10.40 -17.64 5.50
N THR B 351 -10.22 -16.45 4.94
CA THR B 351 -10.22 -16.26 3.49
C THR B 351 -8.83 -15.82 3.03
N TYR B 352 -8.25 -16.56 2.10
CA TYR B 352 -6.93 -16.23 1.57
C TYR B 352 -7.18 -15.35 0.36
N THR B 353 -6.93 -14.04 0.51
CA THR B 353 -7.18 -13.10 -0.59
C THR B 353 -6.08 -13.12 -1.64
N ASP B 354 -6.38 -12.63 -2.84
CA ASP B 354 -5.40 -12.59 -3.91
C ASP B 354 -4.22 -11.70 -3.56
N ALA B 355 -4.42 -10.78 -2.63
CA ALA B 355 -3.36 -9.88 -2.20
C ALA B 355 -2.46 -10.60 -1.18
N GLY B 356 -2.88 -11.79 -0.76
CA GLY B 356 -2.09 -12.57 0.18
C GLY B 356 -2.49 -12.45 1.64
N GLU B 357 -3.64 -11.84 1.91
CA GLU B 357 -4.10 -11.69 3.29
C GLU B 357 -4.92 -12.89 3.74
N LEU B 358 -4.98 -13.10 5.05
CA LEU B 358 -5.79 -14.17 5.62
C LEU B 358 -6.84 -13.44 6.45
N ARG B 359 -7.99 -13.20 5.83
CA ARG B 359 -9.07 -12.47 6.47
C ARG B 359 -10.09 -13.31 7.25
N VAL B 360 -10.60 -12.70 8.31
CA VAL B 360 -11.61 -13.30 9.17
C VAL B 360 -12.61 -12.18 9.49
N TYR B 361 -13.85 -12.54 9.74
CA TYR B 361 -14.88 -11.55 10.05
C TYR B 361 -15.10 -10.62 8.87
N GLY B 362 -14.32 -10.80 7.82
CA GLY B 362 -14.47 -9.96 6.65
C GLY B 362 -13.52 -8.76 6.57
N ASP B 363 -13.12 -8.23 7.71
CA ASP B 363 -12.25 -7.08 7.70
C ASP B 363 -11.07 -7.17 8.65
N LYS B 364 -10.90 -8.33 9.28
CA LYS B 364 -9.79 -8.54 10.20
C LYS B 364 -8.74 -9.40 9.49
N CYS B 365 -7.47 -9.07 9.68
CA CYS B 365 -6.38 -9.78 9.03
C CYS B 365 -5.40 -10.47 9.97
N LEU B 366 -4.97 -11.67 9.59
CA LEU B 366 -3.99 -12.40 10.39
C LEU B 366 -2.83 -11.42 10.35
N ASP B 367 -2.33 -11.05 11.52
CA ASP B 367 -1.30 -10.04 11.63
C ASP B 367 -0.16 -10.44 12.56
N ALA B 368 1.06 -10.05 12.20
CA ALA B 368 2.23 -10.34 13.02
C ALA B 368 2.83 -9.02 13.48
N ALA B 369 3.03 -8.87 14.79
CA ALA B 369 3.62 -7.64 15.33
C ALA B 369 5.07 -7.94 15.66
N GLY B 370 5.88 -8.06 14.61
CA GLY B 370 7.29 -8.35 14.77
C GLY B 370 7.75 -9.29 13.68
N THR B 371 9.06 -9.47 13.54
CA THR B 371 9.61 -10.35 12.52
C THR B 371 10.49 -11.47 13.07
N GLY B 372 10.71 -11.48 14.38
CA GLY B 372 11.55 -12.50 14.98
C GLY B 372 10.79 -13.68 15.56
N ASN B 373 11.51 -14.75 15.86
CA ASN B 373 10.91 -15.95 16.43
C ASN B 373 10.13 -15.65 17.70
N GLY B 374 8.96 -16.27 17.85
CA GLY B 374 8.15 -16.03 19.02
C GLY B 374 7.19 -14.87 18.87
N THR B 375 7.19 -14.24 17.70
CA THR B 375 6.28 -13.14 17.45
C THR B 375 4.87 -13.68 17.51
N LYS B 376 4.02 -13.00 18.27
CA LYS B 376 2.63 -13.41 18.41
C LYS B 376 1.85 -13.16 17.13
N VAL B 377 1.13 -14.17 16.67
CA VAL B 377 0.32 -14.03 15.47
C VAL B 377 -1.06 -13.64 15.99
N GLN B 378 -1.56 -12.50 15.54
CA GLN B 378 -2.84 -11.99 16.01
C GLN B 378 -3.72 -11.52 14.87
N ILE B 379 -4.79 -10.80 15.21
CA ILE B 379 -5.68 -10.23 14.22
C ILE B 379 -5.58 -8.71 14.36
N TYR B 380 -5.71 -8.01 13.24
CA TYR B 380 -5.62 -6.55 13.24
C TYR B 380 -6.39 -6.07 12.01
N SER B 381 -6.92 -4.85 12.07
CA SER B 381 -7.66 -4.30 10.95
C SER B 381 -6.80 -4.44 9.70
N CYS B 382 -7.40 -4.92 8.61
CA CYS B 382 -6.68 -5.11 7.35
C CYS B 382 -6.28 -3.79 6.71
N TRP B 383 -5.00 -3.67 6.35
CA TRP B 383 -4.53 -2.47 5.68
C TRP B 383 -3.49 -2.74 4.60
N GLY B 384 -3.11 -4.01 4.44
CA GLY B 384 -2.15 -4.36 3.41
C GLY B 384 -0.67 -4.38 3.76
N GLY B 385 -0.34 -4.23 5.05
CA GLY B 385 1.06 -4.27 5.44
C GLY B 385 1.67 -5.63 5.13
N ASP B 386 2.98 -5.68 4.91
CA ASP B 386 3.64 -6.94 4.60
C ASP B 386 3.56 -7.92 5.77
N ASN B 387 3.29 -7.39 6.95
CA ASN B 387 3.18 -8.22 8.14
C ASN B 387 1.77 -8.80 8.22
N GLN B 388 0.97 -8.56 7.18
CA GLN B 388 -0.39 -9.08 7.10
C GLN B 388 -0.54 -9.95 5.85
N LYS B 389 0.57 -10.26 5.20
CA LYS B 389 0.53 -11.07 4.00
C LYS B 389 1.25 -12.39 4.21
N TRP B 390 0.67 -13.45 3.68
CA TRP B 390 1.19 -14.79 3.86
C TRP B 390 1.24 -15.62 2.59
N ARG B 391 2.12 -16.61 2.58
CA ARG B 391 2.26 -17.51 1.45
C ARG B 391 1.91 -18.93 1.90
N LEU B 392 0.95 -19.55 1.23
CA LEU B 392 0.56 -20.92 1.58
C LEU B 392 1.38 -21.88 0.74
N ASN B 393 2.52 -22.32 1.28
CA ASN B 393 3.40 -23.23 0.55
C ASN B 393 2.74 -24.57 0.26
N SER B 394 3.22 -25.22 -0.79
CA SER B 394 2.71 -26.52 -1.20
C SER B 394 2.92 -27.58 -0.11
N ASP B 395 3.94 -27.40 0.72
CA ASP B 395 4.20 -28.37 1.78
C ASP B 395 3.29 -28.17 2.99
N GLY B 396 2.31 -27.28 2.84
CA GLY B 396 1.38 -27.04 3.92
C GLY B 396 1.77 -25.96 4.92
N SER B 397 2.98 -25.41 4.76
CA SER B 397 3.44 -24.37 5.67
C SER B 397 2.84 -23.04 5.26
N ILE B 398 2.77 -22.11 6.22
CA ILE B 398 2.24 -20.78 5.96
C ILE B 398 3.31 -19.79 6.42
N VAL B 399 3.93 -19.12 5.46
CA VAL B 399 5.01 -18.19 5.75
C VAL B 399 4.59 -16.73 5.68
N GLY B 400 5.09 -15.94 6.63
CA GLY B 400 4.79 -14.52 6.65
C GLY B 400 5.71 -13.82 5.66
N VAL B 401 5.13 -13.07 4.73
CA VAL B 401 5.91 -12.38 3.73
C VAL B 401 7.01 -11.50 4.31
N GLN B 402 6.65 -10.65 5.28
CA GLN B 402 7.61 -9.74 5.90
C GLN B 402 8.68 -10.44 6.73
N SER B 403 8.28 -11.44 7.49
CA SER B 403 9.21 -12.15 8.37
C SER B 403 9.93 -13.32 7.73
N GLY B 404 9.25 -14.02 6.84
CA GLY B 404 9.85 -15.17 6.21
C GLY B 404 9.76 -16.34 7.16
N LEU B 405 9.02 -16.15 8.26
CA LEU B 405 8.84 -17.20 9.26
C LEU B 405 7.52 -17.93 9.07
N CYS B 406 7.46 -19.15 9.58
CA CYS B 406 6.29 -20.00 9.48
C CYS B 406 5.34 -19.87 10.67
N LEU B 407 4.04 -20.02 10.43
CA LEU B 407 3.07 -19.98 11.52
C LEU B 407 3.43 -21.19 12.36
N ASP B 408 3.56 -20.99 13.66
CA ASP B 408 3.96 -22.07 14.55
C ASP B 408 3.09 -22.18 15.81
N ALA B 409 2.66 -23.40 16.11
CA ALA B 409 1.87 -23.65 17.32
C ALA B 409 2.85 -23.79 18.48
N VAL B 410 2.90 -22.77 19.32
CA VAL B 410 3.80 -22.71 20.47
C VAL B 410 4.18 -24.08 21.06
N GLY B 411 5.48 -24.29 21.22
CA GLY B 411 6.00 -25.53 21.79
C GLY B 411 5.44 -26.80 21.18
N GLY B 412 5.11 -26.76 19.90
CA GLY B 412 4.56 -27.94 19.25
C GLY B 412 3.26 -28.36 19.90
N GLY B 413 2.69 -27.47 20.70
CA GLY B 413 1.44 -27.76 21.38
C GLY B 413 0.40 -28.32 20.43
N THR B 414 -0.56 -29.05 20.97
CA THR B 414 -1.61 -29.65 20.16
C THR B 414 -3.00 -29.46 20.79
N ALA B 415 -3.02 -29.21 22.09
CA ALA B 415 -4.26 -29.02 22.81
C ALA B 415 -4.90 -27.69 22.44
N ASN B 416 -6.17 -27.52 22.79
CA ASN B 416 -6.89 -26.28 22.52
C ASN B 416 -6.26 -25.15 23.33
N GLY B 417 -6.39 -23.93 22.83
CA GLY B 417 -5.83 -22.80 23.53
C GLY B 417 -4.37 -22.59 23.17
N THR B 418 -3.78 -23.53 22.44
CA THR B 418 -2.39 -23.42 22.02
C THR B 418 -2.25 -22.15 21.20
N LEU B 419 -1.33 -21.28 21.60
CA LEU B 419 -1.11 -20.02 20.90
C LEU B 419 -0.31 -20.19 19.62
N ILE B 420 -0.55 -19.31 18.66
CA ILE B 420 0.14 -19.34 17.39
C ILE B 420 1.17 -18.23 17.35
N GLN B 421 2.36 -18.55 16.87
CA GLN B 421 3.45 -17.58 16.80
C GLN B 421 4.22 -17.76 15.49
N LEU B 422 5.23 -16.92 15.30
CA LEU B 422 6.08 -17.01 14.12
C LEU B 422 7.33 -17.75 14.61
N TYR B 423 7.98 -18.48 13.71
CA TYR B 423 9.19 -19.19 14.09
C TYR B 423 9.89 -19.76 12.85
N SER B 424 11.20 -19.93 12.95
CA SER B 424 11.98 -20.47 11.85
C SER B 424 11.23 -21.65 11.26
N CYS B 425 11.09 -21.66 9.94
CA CYS B 425 10.39 -22.76 9.30
C CYS B 425 11.11 -24.09 9.47
N SER B 426 10.34 -25.11 9.80
CA SER B 426 10.85 -26.45 9.98
C SER B 426 10.05 -27.30 9.02
N ASN B 427 9.50 -28.39 9.53
CA ASN B 427 8.69 -29.30 8.73
C ASN B 427 7.75 -29.98 9.71
N GLY B 428 7.91 -29.61 10.98
CA GLY B 428 7.09 -30.18 12.03
C GLY B 428 5.62 -30.10 11.73
N SER B 429 4.86 -31.03 12.30
CA SER B 429 3.42 -31.08 12.12
C SER B 429 2.77 -29.83 12.70
N ASN B 430 3.47 -29.18 13.61
CA ASN B 430 2.95 -27.97 14.24
C ASN B 430 3.14 -26.75 13.35
N GLN B 431 3.63 -26.97 12.13
CA GLN B 431 3.83 -25.91 11.16
C GLN B 431 3.14 -26.19 9.83
N ARG B 432 2.47 -27.33 9.74
CA ARG B 432 1.75 -27.69 8.52
C ARG B 432 0.25 -27.48 8.71
N TRP B 433 -0.42 -27.06 7.65
CA TRP B 433 -1.84 -26.81 7.72
C TRP B 433 -2.59 -27.32 6.50
N THR B 434 -3.89 -27.56 6.66
CA THR B 434 -4.73 -28.06 5.59
C THR B 434 -5.93 -27.13 5.40
N ARG B 435 -6.18 -26.73 4.16
CA ARG B 435 -7.29 -25.85 3.83
C ARG B 435 -8.56 -26.65 3.61
N THR B 436 -9.53 -26.47 4.52
CA THR B 436 -10.80 -27.18 4.43
C THR B 436 -11.95 -26.17 4.27
#